data_3LSC
#
_entry.id   3LSC
#
_cell.length_a   57.378
_cell.length_b   101.621
_cell.length_c   80.767
_cell.angle_alpha   90.00
_cell.angle_beta   104.45
_cell.angle_gamma   90.00
#
_symmetry.space_group_name_H-M   'P 1 21 1'
#
loop_
_entity.id
_entity.type
_entity.pdbx_description
1 polymer 'Triazine hydrolase'
2 non-polymer "N-ethyl-6-methoxy-N'-(1-methylethyl)-1,3,5-triazine-2,4-diamine"
3 non-polymer 'ZINC ION'
4 water water
#
_entity_poly.entity_id   1
_entity_poly.type   'polypeptide(L)'
_entity_poly.pdbx_seq_one_letter_code
;MILIRGLTRVITFDDQERELEDADILIDGPKIVAVGKDLSDRSVSRTIDGRGMIALPGLINSHQHLYEGAMRAIPQLERV
TMASWLEGVLTRSAGWWRDGKFGPDVIREVARAVLLESLLGGITTVADQHLFFPGATADSYIDATIEAATDLGIRFHAAR
SSMTLGKSEGGFCDDLFVEPVDRVVQHCLGLIDQYHEPEPFGMVRIALGPCGVPYDKPELFEAFAQMAADYDVRLHTHFY
QPLDAGMSDHLYGMTPWRFLEKHGWASDRVWLAHAVVPPREEIPEFADAGVAIAHLIAPDLRMGWGLAPIREYLDAGITV
GFGTTGSASNDGGNLLGDLRLAALAHRPADPNEPEKWLSARELLRMATRGSAECLGRPDLGVLEEGRAADIACWRLDGVD
RVGVHDPAIGLIMTGLSDRASLVVVNGQVLVENERPVLADLERIVANTTALIPKNL
;
_entity_poly.pdbx_strand_id   A,B
#
# COMPACT_ATOMS: atom_id res chain seq x y z
N MET A 1 3.70 -36.77 -7.65
CA MET A 1 2.65 -35.76 -7.51
C MET A 1 2.70 -35.02 -6.17
N ILE A 2 2.33 -33.74 -6.21
CA ILE A 2 2.26 -32.93 -5.00
C ILE A 2 0.81 -32.54 -4.70
N LEU A 3 0.39 -32.74 -3.46
CA LEU A 3 -0.95 -32.37 -3.04
C LEU A 3 -0.88 -31.26 -2.02
N ILE A 4 -1.56 -30.15 -2.30
CA ILE A 4 -1.73 -29.11 -1.28
C ILE A 4 -3.11 -29.34 -0.68
N ARG A 5 -3.16 -29.66 0.61
CA ARG A 5 -4.40 -30.16 1.22
C ARG A 5 -5.02 -29.19 2.22
N GLY A 6 -6.33 -29.02 2.11
CA GLY A 6 -7.08 -28.30 3.12
C GLY A 6 -6.96 -26.79 3.07
N LEU A 7 -6.67 -26.25 1.89
CA LEU A 7 -6.66 -24.80 1.72
C LEU A 7 -7.94 -24.17 2.22
N THR A 8 -7.82 -23.11 2.99
CA THR A 8 -9.01 -22.46 3.58
C THR A 8 -9.88 -21.85 2.49
N ARG A 9 -9.26 -21.22 1.51
CA ARG A 9 -9.98 -20.65 0.38
C ARG A 9 -9.13 -20.86 -0.86
N VAL A 10 -9.79 -21.23 -1.96
CA VAL A 10 -9.14 -21.38 -3.26
C VAL A 10 -9.89 -20.49 -4.25
N ILE A 11 -9.19 -19.58 -4.90
CA ILE A 11 -9.84 -18.72 -5.89
C ILE A 11 -9.36 -19.16 -7.26
N THR A 12 -10.25 -19.71 -8.08
CA THR A 12 -9.80 -20.33 -9.33
C THR A 12 -9.68 -19.38 -10.51
N PHE A 13 -10.56 -18.40 -10.57
CA PHE A 13 -10.73 -17.56 -11.76
C PHE A 13 -10.98 -18.40 -12.99
N ASP A 14 -11.66 -19.53 -12.82
CA ASP A 14 -12.07 -20.34 -13.95
C ASP A 14 -13.29 -19.74 -14.61
N ASP A 15 -13.83 -20.43 -15.62
CA ASP A 15 -14.89 -19.87 -16.43
C ASP A 15 -16.16 -19.57 -15.62
N GLN A 16 -16.34 -20.28 -14.50
CA GLN A 16 -17.49 -20.03 -13.64
C GLN A 16 -17.11 -19.24 -12.39
N GLU A 17 -15.88 -18.73 -12.38
CA GLU A 17 -15.38 -17.97 -11.23
C GLU A 17 -15.57 -18.75 -9.92
N ARG A 18 -15.34 -20.06 -9.98
CA ARG A 18 -15.47 -20.90 -8.80
C ARG A 18 -14.51 -20.49 -7.69
N GLU A 19 -15.01 -20.54 -6.46
CA GLU A 19 -14.14 -20.48 -5.30
C GLU A 19 -14.45 -21.72 -4.48
N LEU A 20 -13.46 -22.20 -3.73
CA LEU A 20 -13.66 -23.37 -2.88
C LEU A 20 -13.20 -23.14 -1.46
N GLU A 21 -13.89 -23.77 -0.50
CA GLU A 21 -13.46 -23.71 0.88
C GLU A 21 -12.96 -25.08 1.33
N ASP A 22 -11.96 -25.08 2.20
CA ASP A 22 -11.38 -26.34 2.70
C ASP A 22 -11.20 -27.37 1.57
N ALA A 23 -10.38 -27.01 0.59
CA ALA A 23 -10.24 -27.82 -0.61
C ALA A 23 -8.77 -27.99 -0.99
N ASP A 24 -8.50 -28.85 -1.96
CA ASP A 24 -7.13 -29.25 -2.31
C ASP A 24 -6.74 -28.91 -3.75
N ILE A 25 -5.44 -28.88 -4.00
CA ILE A 25 -4.92 -28.79 -5.36
C ILE A 25 -3.91 -29.93 -5.58
N LEU A 26 -4.11 -30.69 -6.64
CA LEU A 26 -3.21 -31.79 -6.96
C LEU A 26 -2.36 -31.43 -8.18
N ILE A 27 -1.06 -31.65 -8.06
CA ILE A 27 -0.06 -31.24 -9.06
C ILE A 27 0.75 -32.43 -9.57
N ASP A 28 0.92 -32.49 -10.88
CA ASP A 28 1.73 -33.53 -11.50
C ASP A 28 2.70 -32.89 -12.48
N GLY A 29 3.98 -32.86 -12.11
CA GLY A 29 4.97 -32.23 -12.96
C GLY A 29 4.65 -30.74 -13.11
N PRO A 30 4.55 -30.27 -14.35
CA PRO A 30 4.33 -28.84 -14.61
C PRO A 30 2.87 -28.44 -14.50
N LYS A 31 1.95 -29.38 -14.33
CA LYS A 31 0.55 -29.03 -14.49
C LYS A 31 -0.38 -29.39 -13.33
N ILE A 32 -1.49 -28.67 -13.26
CA ILE A 32 -2.51 -28.97 -12.27
C ILE A 32 -3.33 -30.14 -12.77
N VAL A 33 -3.53 -31.13 -11.93
CA VAL A 33 -4.35 -32.27 -12.34
C VAL A 33 -5.78 -32.15 -11.82
N ALA A 34 -5.93 -31.53 -10.66
CA ALA A 34 -7.26 -31.38 -10.07
C ALA A 34 -7.32 -30.30 -9.01
N VAL A 35 -8.49 -29.68 -8.88
CA VAL A 35 -8.80 -28.74 -7.81
C VAL A 35 -10.17 -29.13 -7.28
N GLY A 36 -10.22 -29.51 -6.00
CA GLY A 36 -11.48 -29.97 -5.41
C GLY A 36 -11.33 -30.45 -3.99
N LYS A 37 -12.45 -30.79 -3.36
CA LYS A 37 -12.43 -31.29 -2.00
C LYS A 37 -11.93 -32.73 -1.92
N ASP A 38 -11.24 -33.05 -0.83
CA ASP A 38 -10.84 -34.42 -0.53
C ASP A 38 -10.23 -35.14 -1.73
N LEU A 39 -9.18 -34.56 -2.30
CA LEU A 39 -8.51 -35.20 -3.44
C LEU A 39 -7.72 -36.43 -3.02
N SER A 40 -7.69 -37.43 -3.90
CA SER A 40 -6.97 -38.67 -3.67
C SER A 40 -5.46 -38.46 -3.59
N ASP A 41 -4.81 -39.11 -2.63
CA ASP A 41 -3.36 -39.05 -2.54
C ASP A 41 -2.72 -40.30 -3.12
N ARG A 42 -3.50 -41.00 -3.93
CA ARG A 42 -3.10 -42.26 -4.58
C ARG A 42 -1.65 -42.26 -5.08
N SER A 43 -1.28 -41.27 -5.89
CA SER A 43 0.06 -41.23 -6.46
C SER A 43 0.87 -40.02 -5.97
N VAL A 44 0.61 -39.61 -4.74
CA VAL A 44 1.23 -38.43 -4.17
C VAL A 44 2.52 -38.78 -3.41
N SER A 45 3.59 -38.03 -3.67
CA SER A 45 4.84 -38.22 -2.95
C SER A 45 5.11 -37.12 -1.94
N ARG A 46 4.30 -36.06 -1.99
CA ARG A 46 4.44 -34.98 -1.03
C ARG A 46 3.11 -34.29 -0.81
N THR A 47 2.71 -34.20 0.45
CA THR A 47 1.51 -33.47 0.83
C THR A 47 1.91 -32.22 1.59
N ILE A 48 1.34 -31.09 1.18
CA ILE A 48 1.58 -29.83 1.84
C ILE A 48 0.32 -29.35 2.54
N ASP A 49 0.46 -28.88 3.78
CA ASP A 49 -0.66 -28.48 4.61
C ASP A 49 -1.11 -27.07 4.23
N GLY A 50 -2.27 -26.96 3.60
CA GLY A 50 -2.80 -25.68 3.17
C GLY A 50 -3.75 -25.01 4.14
N ARG A 51 -4.00 -25.64 5.28
CA ARG A 51 -4.91 -25.07 6.26
C ARG A 51 -4.48 -23.68 6.69
N GLY A 52 -5.42 -22.74 6.67
CA GLY A 52 -5.17 -21.37 7.05
C GLY A 52 -4.63 -20.51 5.92
N MET A 53 -4.62 -21.03 4.69
CA MET A 53 -4.16 -20.23 3.55
C MET A 53 -5.26 -20.01 2.51
N ILE A 54 -5.13 -18.91 1.76
CA ILE A 54 -5.89 -18.70 0.54
C ILE A 54 -4.93 -18.91 -0.64
N ALA A 55 -5.37 -19.69 -1.63
CA ALA A 55 -4.60 -19.96 -2.83
C ALA A 55 -5.22 -19.27 -4.04
N LEU A 56 -4.34 -18.68 -4.86
CA LEU A 56 -4.70 -18.04 -6.11
C LEU A 56 -3.81 -18.58 -7.20
N PRO A 57 -4.19 -18.38 -8.46
CA PRO A 57 -3.17 -18.59 -9.50
C PRO A 57 -1.99 -17.66 -9.20
N GLY A 58 -0.79 -18.03 -9.60
CA GLY A 58 0.35 -17.16 -9.37
C GLY A 58 0.09 -15.81 -10.00
N LEU A 59 0.50 -14.73 -9.32
CA LEU A 59 0.35 -13.40 -9.90
C LEU A 59 1.27 -13.26 -11.10
N ILE A 60 0.83 -12.49 -12.09
CA ILE A 60 1.60 -12.30 -13.30
C ILE A 60 1.82 -10.81 -13.51
N ASN A 61 3.08 -10.38 -13.43
CA ASN A 61 3.40 -8.98 -13.59
C ASN A 61 3.65 -8.74 -15.06
N SER A 62 2.69 -8.10 -15.73
CA SER A 62 2.74 -8.01 -17.18
C SER A 62 3.56 -6.83 -17.69
N HIS A 63 4.21 -6.09 -16.78
CA HIS A 63 5.10 -4.99 -17.20
C HIS A 63 6.14 -4.64 -16.13
N GLN A 64 7.38 -5.06 -16.36
CA GLN A 64 8.53 -4.71 -15.52
C GLN A 64 9.62 -3.97 -16.31
N HIS A 65 10.49 -3.27 -15.59
CA HIS A 65 11.79 -2.83 -16.11
C HIS A 65 12.79 -3.20 -15.02
N LEU A 66 13.27 -4.44 -15.09
CA LEU A 66 14.04 -5.02 -13.99
C LEU A 66 15.28 -4.21 -13.64
N TYR A 67 15.97 -3.67 -14.65
CA TYR A 67 17.23 -2.96 -14.38
C TYR A 67 17.05 -1.74 -13.48
N GLU A 68 15.83 -1.23 -13.39
CA GLU A 68 15.52 -0.10 -12.50
C GLU A 68 15.56 -0.43 -10.99
N GLY A 69 15.72 -1.71 -10.66
CA GLY A 69 15.91 -2.12 -9.28
C GLY A 69 17.09 -1.40 -8.64
N ALA A 70 18.05 -0.99 -9.47
CA ALA A 70 19.23 -0.27 -9.02
C ALA A 70 18.99 1.22 -8.82
N MET A 71 17.76 1.67 -9.10
CA MET A 71 17.45 3.09 -9.12
C MET A 71 16.29 3.48 -8.21
N ARG A 72 16.20 2.81 -7.07
CA ARG A 72 15.09 3.04 -6.15
C ARG A 72 15.35 4.20 -5.19
N ALA A 73 14.29 4.96 -4.91
CA ALA A 73 14.33 5.96 -3.83
C ALA A 73 15.50 6.91 -3.99
N ILE A 74 15.69 7.40 -5.20
CA ILE A 74 16.70 8.43 -5.42
C ILE A 74 16.05 9.77 -5.08
N PRO A 75 16.64 10.51 -4.14
CA PRO A 75 16.02 11.76 -3.70
C PRO A 75 15.70 12.73 -4.84
N GLN A 76 16.63 12.90 -5.79
CA GLN A 76 16.39 13.81 -6.89
C GLN A 76 15.26 13.36 -7.83
N LEU A 77 14.85 12.10 -7.71
CA LEU A 77 13.79 11.60 -8.58
C LEU A 77 12.47 11.39 -7.82
N GLU A 78 12.42 11.81 -6.55
CA GLU A 78 11.24 11.57 -5.74
C GLU A 78 9.98 12.30 -6.23
N ARG A 79 10.10 13.60 -6.45
CA ARG A 79 8.98 14.41 -6.94
C ARG A 79 9.37 15.12 -8.23
N VAL A 80 9.18 14.41 -9.35
CA VAL A 80 9.53 14.95 -10.66
C VAL A 80 8.48 14.52 -11.66
N THR A 81 8.26 15.34 -12.67
CA THR A 81 7.33 14.95 -13.73
C THR A 81 8.07 14.08 -14.73
N MET A 82 7.36 13.57 -15.72
CA MET A 82 7.92 12.56 -16.63
C MET A 82 9.23 12.99 -17.32
N ALA A 83 9.27 14.20 -17.84
CA ALA A 83 10.44 14.64 -18.61
C ALA A 83 11.71 14.65 -17.78
N SER A 84 11.62 15.17 -16.56
CA SER A 84 12.75 15.20 -15.64
C SER A 84 13.14 13.78 -15.24
N TRP A 85 12.13 12.95 -15.03
CA TRP A 85 12.34 11.57 -14.62
C TRP A 85 13.09 10.77 -15.67
N LEU A 86 12.61 10.84 -16.90
CA LEU A 86 13.18 10.06 -17.99
C LEU A 86 14.62 10.47 -18.25
N GLU A 87 14.87 11.77 -18.24
CA GLU A 87 16.23 12.28 -18.40
C GLU A 87 17.12 11.73 -17.28
N GLY A 88 16.61 11.76 -16.06
CA GLY A 88 17.36 11.33 -14.90
C GLY A 88 17.72 9.85 -14.94
N VAL A 89 16.78 9.03 -15.41
CA VAL A 89 17.00 7.60 -15.49
C VAL A 89 18.00 7.25 -16.60
N LEU A 90 17.83 7.89 -17.75
CA LEU A 90 18.69 7.63 -18.92
C LEU A 90 20.10 8.13 -18.66
N THR A 91 20.21 9.31 -18.07
CA THR A 91 21.51 9.89 -17.74
C THR A 91 22.26 9.03 -16.75
N ARG A 92 21.59 8.59 -15.69
CA ARG A 92 22.23 7.77 -14.68
C ARG A 92 22.70 6.43 -15.23
N SER A 93 21.86 5.78 -16.02
CA SER A 93 22.22 4.48 -16.55
C SER A 93 23.37 4.60 -17.56
N ALA A 94 23.30 5.61 -18.42
CA ALA A 94 24.39 5.88 -19.36
C ALA A 94 25.69 6.21 -18.63
N GLY A 95 25.58 7.03 -17.60
CA GLY A 95 26.71 7.38 -16.76
C GLY A 95 27.35 6.18 -16.08
N TRP A 96 26.55 5.41 -15.37
CA TRP A 96 27.04 4.19 -14.72
C TRP A 96 27.67 3.21 -15.70
N TRP A 97 27.07 3.07 -16.87
CA TRP A 97 27.58 2.15 -17.87
C TRP A 97 28.96 2.60 -18.36
N ARG A 98 29.09 3.91 -18.60
CA ARG A 98 30.34 4.45 -19.11
C ARG A 98 31.45 4.18 -18.12
N ASP A 99 31.10 4.10 -16.84
CA ASP A 99 32.09 3.88 -15.79
C ASP A 99 32.27 2.41 -15.45
N GLY A 100 31.70 1.53 -16.27
CA GLY A 100 31.91 0.11 -16.12
C GLY A 100 31.15 -0.47 -14.95
N LYS A 101 30.09 0.22 -14.53
CA LYS A 101 29.34 -0.16 -13.34
C LYS A 101 27.97 -0.73 -13.65
N PHE A 102 27.64 -0.85 -14.93
CA PHE A 102 26.27 -1.18 -15.32
C PHE A 102 26.21 -2.05 -16.57
N GLY A 103 27.05 -3.08 -16.61
CA GLY A 103 27.05 -4.04 -17.71
C GLY A 103 26.09 -5.19 -17.44
N PRO A 104 25.99 -6.14 -18.39
CA PRO A 104 25.08 -7.28 -18.21
C PRO A 104 25.30 -8.02 -16.89
N ASP A 105 26.54 -8.08 -16.42
CA ASP A 105 26.82 -8.79 -15.19
C ASP A 105 26.13 -8.15 -13.99
N VAL A 106 26.07 -6.82 -13.98
CA VAL A 106 25.36 -6.10 -12.93
C VAL A 106 23.86 -6.27 -13.08
N ILE A 107 23.39 -6.13 -14.32
CA ILE A 107 21.96 -6.27 -14.60
C ILE A 107 21.45 -7.66 -14.21
N ARG A 108 22.28 -8.69 -14.42
CA ARG A 108 21.93 -10.05 -14.02
C ARG A 108 21.57 -10.12 -12.54
N GLU A 109 22.37 -9.46 -11.70
CA GLU A 109 22.16 -9.51 -10.26
C GLU A 109 21.04 -8.61 -9.79
N VAL A 110 20.87 -7.47 -10.43
CA VAL A 110 19.72 -6.61 -10.14
C VAL A 110 18.44 -7.38 -10.48
N ALA A 111 18.43 -8.03 -11.64
CA ALA A 111 17.28 -8.82 -12.06
C ALA A 111 17.04 -9.98 -11.10
N ARG A 112 18.12 -10.64 -10.66
CA ARG A 112 17.97 -11.74 -9.71
C ARG A 112 17.25 -11.28 -8.42
N ALA A 113 17.58 -10.09 -7.94
CA ALA A 113 16.99 -9.61 -6.69
C ALA A 113 15.52 -9.25 -6.90
N VAL A 114 15.23 -8.54 -7.99
CA VAL A 114 13.86 -8.10 -8.21
C VAL A 114 12.96 -9.30 -8.53
N LEU A 115 13.51 -10.28 -9.24
CA LEU A 115 12.75 -11.48 -9.56
C LEU A 115 12.54 -12.33 -8.31
N LEU A 116 13.52 -12.37 -7.41
CA LEU A 116 13.34 -13.07 -6.15
C LEU A 116 12.29 -12.38 -5.26
N GLU A 117 12.38 -11.05 -5.17
CA GLU A 117 11.33 -10.26 -4.53
C GLU A 117 9.97 -10.62 -5.12
N SER A 118 9.94 -10.76 -6.45
CA SER A 118 8.69 -11.08 -7.15
C SER A 118 8.10 -12.39 -6.65
N LEU A 119 8.93 -13.42 -6.62
CA LEU A 119 8.51 -14.72 -6.10
C LEU A 119 7.97 -14.59 -4.67
N LEU A 120 8.67 -13.83 -3.84
CA LEU A 120 8.28 -13.68 -2.43
C LEU A 120 6.96 -12.90 -2.30
N GLY A 121 6.61 -12.17 -3.35
CA GLY A 121 5.35 -11.45 -3.40
C GLY A 121 4.23 -12.23 -4.09
N GLY A 122 4.48 -13.49 -4.37
CA GLY A 122 3.50 -14.37 -4.99
C GLY A 122 3.38 -14.23 -6.51
N ILE A 123 4.38 -13.59 -7.13
CA ILE A 123 4.42 -13.42 -8.59
C ILE A 123 5.20 -14.57 -9.23
N THR A 124 4.54 -15.29 -10.13
CA THR A 124 5.10 -16.51 -10.71
C THR A 124 5.56 -16.33 -12.14
N THR A 125 5.07 -15.27 -12.80
CA THR A 125 5.53 -14.90 -14.14
C THR A 125 5.78 -13.40 -14.21
N VAL A 126 6.90 -13.02 -14.81
CA VAL A 126 7.23 -11.60 -15.01
C VAL A 126 7.54 -11.35 -16.48
N ALA A 127 7.00 -10.25 -17.03
CA ALA A 127 7.37 -9.83 -18.38
C ALA A 127 8.22 -8.56 -18.26
N ASP A 128 9.50 -8.67 -18.60
CA ASP A 128 10.41 -7.53 -18.50
C ASP A 128 10.56 -6.86 -19.85
N GLN A 129 10.60 -5.53 -19.85
CA GLN A 129 10.87 -4.76 -21.06
C GLN A 129 12.17 -4.00 -20.88
N HIS A 130 13.24 -4.53 -21.46
CA HIS A 130 14.56 -3.94 -21.33
C HIS A 130 14.94 -3.22 -22.61
N LEU A 131 15.23 -1.93 -22.50
CA LEU A 131 15.63 -1.12 -23.65
C LEU A 131 17.09 -0.64 -23.63
N PHE A 132 17.78 -0.88 -22.52
CA PHE A 132 19.14 -0.36 -22.33
C PHE A 132 20.19 -1.16 -23.09
N PHE A 133 20.63 -0.62 -24.24
CA PHE A 133 21.65 -1.27 -25.06
C PHE A 133 22.69 -0.29 -25.56
N PRO A 134 23.50 0.27 -24.64
CA PRO A 134 24.48 1.28 -25.04
C PRO A 134 25.59 0.64 -25.85
N GLY A 135 26.20 1.41 -26.74
CA GLY A 135 27.36 0.95 -27.47
C GLY A 135 27.11 0.61 -28.92
N ALA A 136 28.13 0.03 -29.55
CA ALA A 136 28.08 -0.24 -30.98
C ALA A 136 27.44 -1.60 -31.28
N THR A 137 27.20 -2.40 -30.24
CA THR A 137 26.55 -3.69 -30.42
C THR A 137 25.53 -3.93 -29.31
N ALA A 138 24.56 -4.80 -29.57
CA ALA A 138 23.58 -5.16 -28.55
C ALA A 138 24.18 -6.16 -27.59
N ASP A 139 24.46 -5.71 -26.36
CA ASP A 139 25.15 -6.55 -25.39
C ASP A 139 24.16 -7.53 -24.75
N SER A 140 24.68 -8.43 -23.92
CA SER A 140 23.87 -9.56 -23.47
C SER A 140 22.96 -9.24 -22.28
N TYR A 141 22.37 -8.07 -22.27
CA TYR A 141 21.44 -7.70 -21.18
C TYR A 141 20.25 -8.65 -21.08
N ILE A 142 19.63 -8.99 -22.20
CA ILE A 142 18.47 -9.89 -22.18
C ILE A 142 18.91 -11.26 -21.68
N ASP A 143 20.01 -11.76 -22.23
CA ASP A 143 20.56 -13.04 -21.79
C ASP A 143 20.74 -13.06 -20.27
N ALA A 144 21.19 -11.93 -19.72
CA ALA A 144 21.42 -11.83 -18.27
C ALA A 144 20.13 -11.94 -17.48
N THR A 145 19.09 -11.23 -17.92
CA THR A 145 17.80 -11.35 -17.24
C THR A 145 17.23 -12.76 -17.35
N ILE A 146 17.40 -13.39 -18.50
CA ILE A 146 16.93 -14.76 -18.70
C ILE A 146 17.70 -15.75 -17.81
N GLU A 147 19.00 -15.50 -17.65
CA GLU A 147 19.83 -16.35 -16.80
C GLU A 147 19.37 -16.25 -15.34
N ALA A 148 19.15 -15.03 -14.88
CA ALA A 148 18.64 -14.79 -13.53
C ALA A 148 17.29 -15.50 -13.34
N ALA A 149 16.39 -15.31 -14.29
CA ALA A 149 15.07 -15.91 -14.19
C ALA A 149 15.15 -17.44 -14.16
N THR A 150 15.95 -18.02 -15.07
CA THR A 150 16.05 -19.47 -15.11
C THR A 150 16.72 -20.05 -13.86
N ASP A 151 17.72 -19.36 -13.31
CA ASP A 151 18.35 -19.78 -12.06
C ASP A 151 17.31 -19.88 -10.92
N LEU A 152 16.42 -18.89 -10.85
CA LEU A 152 15.40 -18.82 -9.80
C LEU A 152 14.24 -19.78 -10.03
N GLY A 153 13.94 -20.06 -11.30
CA GLY A 153 12.81 -20.89 -11.64
C GLY A 153 11.51 -20.10 -11.83
N ILE A 154 11.63 -18.78 -11.99
CA ILE A 154 10.43 -17.96 -12.22
C ILE A 154 10.11 -17.96 -13.72
N ARG A 155 8.82 -17.98 -14.06
CA ARG A 155 8.43 -17.98 -15.48
C ARG A 155 8.69 -16.58 -16.04
N PHE A 156 9.14 -16.49 -17.29
CA PHE A 156 9.71 -15.23 -17.77
C PHE A 156 9.45 -14.92 -19.25
N HIS A 157 8.94 -13.72 -19.51
CA HIS A 157 8.85 -13.18 -20.87
C HIS A 157 9.76 -11.97 -20.97
N ALA A 158 10.57 -11.93 -22.02
CA ALA A 158 11.44 -10.79 -22.27
C ALA A 158 10.98 -10.05 -23.52
N ALA A 159 10.40 -8.86 -23.32
CA ALA A 159 9.99 -8.02 -24.42
C ALA A 159 11.14 -7.07 -24.77
N ARG A 160 11.94 -7.48 -25.75
CA ARG A 160 13.12 -6.71 -26.15
C ARG A 160 12.71 -5.31 -26.61
N SER A 161 13.28 -4.29 -25.98
CA SER A 161 12.87 -2.92 -26.21
C SER A 161 14.00 -2.07 -26.80
N SER A 162 13.69 -0.83 -27.14
CA SER A 162 14.64 0.02 -27.82
C SER A 162 14.21 1.47 -27.77
N MET A 163 15.12 2.36 -28.15
CA MET A 163 14.75 3.71 -28.54
C MET A 163 15.41 3.94 -29.89
N THR A 164 14.63 3.86 -30.96
CA THR A 164 15.19 3.93 -32.31
C THR A 164 14.95 5.27 -32.98
N LEU A 165 14.17 6.13 -32.33
CA LEU A 165 13.90 7.46 -32.87
C LEU A 165 14.67 8.52 -32.07
N GLY A 166 15.70 9.07 -32.69
CA GLY A 166 16.54 10.05 -32.04
C GLY A 166 15.90 11.41 -31.91
N LYS A 167 16.33 12.17 -30.89
CA LYS A 167 15.86 13.53 -30.67
C LYS A 167 16.04 14.39 -31.91
N SER A 168 17.03 14.03 -32.73
CA SER A 168 17.31 14.75 -33.96
C SER A 168 16.11 14.74 -34.92
N GLU A 169 15.30 13.69 -34.88
CA GLU A 169 14.15 13.60 -35.78
C GLU A 169 12.80 13.47 -35.06
N GLY A 170 12.70 14.04 -33.87
CA GLY A 170 11.43 14.15 -33.18
C GLY A 170 11.30 13.31 -31.92
N GLY A 171 12.27 12.45 -31.67
CA GLY A 171 12.24 11.61 -30.48
C GLY A 171 12.69 12.35 -29.23
N PHE A 172 12.15 11.95 -28.08
CA PHE A 172 12.60 12.55 -26.83
C PHE A 172 13.64 11.67 -26.16
N CYS A 173 14.81 11.59 -26.80
CA CYS A 173 15.90 10.73 -26.35
C CYS A 173 17.21 11.06 -27.06
N ASP A 174 18.31 10.86 -26.36
CA ASP A 174 19.64 11.13 -26.90
C ASP A 174 20.13 9.97 -27.75
N ASP A 175 20.95 10.28 -28.75
CA ASP A 175 21.38 9.28 -29.71
C ASP A 175 22.33 8.22 -29.12
N LEU A 176 22.65 8.34 -27.84
CA LEU A 176 23.43 7.31 -27.17
C LEU A 176 22.62 6.02 -27.10
N PHE A 177 21.31 6.17 -26.88
CA PHE A 177 20.43 5.02 -26.70
C PHE A 177 19.81 4.55 -28.01
N VAL A 178 20.00 5.35 -29.06
CA VAL A 178 19.40 5.05 -30.35
C VAL A 178 20.19 3.98 -31.10
N GLU A 179 19.54 2.84 -31.31
CA GLU A 179 20.08 1.77 -32.15
C GLU A 179 19.45 1.89 -33.51
N PRO A 180 20.20 1.52 -34.56
CA PRO A 180 19.59 1.39 -35.89
C PRO A 180 18.49 0.34 -35.83
N VAL A 181 17.44 0.54 -36.61
CA VAL A 181 16.31 -0.40 -36.60
C VAL A 181 16.78 -1.82 -36.92
N ASP A 182 17.65 -1.95 -37.90
CA ASP A 182 18.12 -3.27 -38.31
C ASP A 182 18.87 -4.01 -37.20
N ARG A 183 19.62 -3.29 -36.37
CA ARG A 183 20.34 -3.92 -35.26
C ARG A 183 19.34 -4.55 -34.28
N VAL A 184 18.29 -3.79 -33.99
CA VAL A 184 17.25 -4.27 -33.08
C VAL A 184 16.56 -5.51 -33.65
N VAL A 185 16.15 -5.41 -34.91
CA VAL A 185 15.46 -6.49 -35.61
C VAL A 185 16.34 -7.75 -35.66
N GLN A 186 17.59 -7.58 -36.07
CA GLN A 186 18.56 -8.69 -36.11
C GLN A 186 18.68 -9.35 -34.75
N HIS A 187 18.78 -8.54 -33.70
CA HIS A 187 18.98 -9.07 -32.35
C HIS A 187 17.78 -9.90 -31.92
N CYS A 188 16.60 -9.36 -32.16
CA CYS A 188 15.36 -10.05 -31.82
C CYS A 188 15.22 -11.40 -32.52
N LEU A 189 15.61 -11.48 -33.78
CA LEU A 189 15.60 -12.79 -34.45
C LEU A 189 16.46 -13.82 -33.71
N GLY A 190 17.66 -13.42 -33.32
CA GLY A 190 18.55 -14.30 -32.59
C GLY A 190 17.98 -14.72 -31.24
N LEU A 191 17.35 -13.80 -30.53
CA LEU A 191 16.79 -14.11 -29.22
C LEU A 191 15.67 -15.13 -29.31
N ILE A 192 14.83 -14.99 -30.32
CA ILE A 192 13.74 -15.93 -30.52
C ILE A 192 14.32 -17.31 -30.78
N ASP A 193 15.25 -17.38 -31.72
CA ASP A 193 15.89 -18.66 -32.04
C ASP A 193 16.55 -19.34 -30.83
N GLN A 194 17.24 -18.55 -30.00
CA GLN A 194 18.00 -19.09 -28.88
C GLN A 194 17.15 -19.45 -27.66
N TYR A 195 16.17 -18.60 -27.35
CA TYR A 195 15.50 -18.66 -26.05
C TYR A 195 14.01 -19.01 -26.04
N HIS A 196 13.31 -18.72 -27.14
CA HIS A 196 11.85 -18.81 -27.12
C HIS A 196 11.35 -20.25 -26.97
N GLU A 197 10.44 -20.47 -26.01
CA GLU A 197 9.85 -21.76 -25.72
C GLU A 197 8.34 -21.69 -25.99
N PRO A 198 7.92 -21.99 -27.23
CA PRO A 198 6.52 -21.74 -27.61
C PRO A 198 5.53 -22.79 -27.13
N GLU A 199 6.02 -23.92 -26.63
CA GLU A 199 5.17 -25.02 -26.20
C GLU A 199 4.40 -24.67 -24.91
N PRO A 200 3.28 -25.36 -24.66
CA PRO A 200 2.58 -25.11 -23.39
C PRO A 200 3.53 -25.32 -22.21
N PHE A 201 3.37 -24.50 -21.18
CA PHE A 201 4.20 -24.55 -19.98
C PHE A 201 5.62 -24.04 -20.24
N GLY A 202 5.84 -23.42 -21.40
CA GLY A 202 7.13 -22.88 -21.71
C GLY A 202 7.58 -21.87 -20.66
N MET A 203 8.84 -21.91 -20.27
CA MET A 203 9.34 -21.11 -19.14
C MET A 203 10.02 -19.79 -19.52
N VAL A 204 10.42 -19.68 -20.78
CA VAL A 204 11.00 -18.45 -21.32
C VAL A 204 10.34 -18.14 -22.65
N ARG A 205 9.86 -16.92 -22.82
CA ARG A 205 9.32 -16.49 -24.09
C ARG A 205 9.84 -15.11 -24.47
N ILE A 206 9.97 -14.87 -25.76
CA ILE A 206 10.45 -13.60 -26.25
C ILE A 206 9.27 -12.81 -26.84
N ALA A 207 9.19 -11.52 -26.52
CA ALA A 207 8.24 -10.65 -27.18
C ALA A 207 9.00 -9.48 -27.80
N LEU A 208 8.33 -8.74 -28.67
CA LEU A 208 8.92 -7.59 -29.34
C LEU A 208 8.34 -6.29 -28.78
N GLY A 209 9.19 -5.47 -28.19
CA GLY A 209 8.67 -4.38 -27.35
C GLY A 209 9.25 -2.99 -27.50
N PRO A 210 8.94 -2.31 -28.61
CA PRO A 210 9.40 -0.92 -28.77
C PRO A 210 9.00 -0.10 -27.55
N CYS A 211 9.83 0.87 -27.18
CA CYS A 211 9.50 1.72 -26.04
C CYS A 211 8.20 2.48 -26.30
N GLY A 212 8.00 2.97 -27.51
CA GLY A 212 6.73 3.57 -27.82
C GLY A 212 6.74 4.48 -29.02
N VAL A 213 5.56 5.03 -29.30
CA VAL A 213 5.39 5.92 -30.45
C VAL A 213 6.33 7.13 -30.41
N PRO A 214 6.49 7.76 -29.23
CA PRO A 214 7.44 8.88 -29.23
C PRO A 214 8.91 8.47 -29.24
N TYR A 215 9.21 7.17 -29.30
CA TYR A 215 10.58 6.73 -29.06
C TYR A 215 11.16 5.83 -30.13
N ASP A 216 10.32 5.38 -31.05
CA ASP A 216 10.74 4.36 -32.02
C ASP A 216 10.22 4.68 -33.41
N LYS A 217 11.01 4.35 -34.41
CA LYS A 217 10.63 4.57 -35.79
C LYS A 217 9.46 3.69 -36.23
N PRO A 218 8.59 4.24 -37.08
CA PRO A 218 7.46 3.47 -37.62
C PRO A 218 7.98 2.18 -38.26
N GLU A 219 9.12 2.27 -38.94
CA GLU A 219 9.73 1.10 -39.56
C GLU A 219 9.92 -0.09 -38.60
N LEU A 220 10.26 0.19 -37.34
CA LEU A 220 10.46 -0.87 -36.36
C LEU A 220 9.13 -1.55 -36.01
N PHE A 221 8.09 -0.74 -35.82
CA PHE A 221 6.77 -1.28 -35.56
C PHE A 221 6.33 -2.23 -36.66
N GLU A 222 6.55 -1.83 -37.92
CA GLU A 222 6.15 -2.67 -39.05
C GLU A 222 6.99 -3.93 -39.15
N ALA A 223 8.30 -3.81 -38.89
CA ALA A 223 9.18 -4.97 -38.90
C ALA A 223 8.72 -5.97 -37.85
N PHE A 224 8.39 -5.46 -36.66
CA PHE A 224 7.93 -6.30 -35.56
C PHE A 224 6.58 -6.94 -35.88
N ALA A 225 5.69 -6.20 -36.53
CA ALA A 225 4.41 -6.76 -36.96
C ALA A 225 4.65 -7.98 -37.84
N GLN A 226 5.60 -7.87 -38.77
CA GLN A 226 5.91 -8.99 -39.65
C GLN A 226 6.55 -10.13 -38.86
N MET A 227 7.50 -9.78 -38.00
CA MET A 227 8.23 -10.80 -37.23
C MET A 227 7.30 -11.56 -36.31
N ALA A 228 6.35 -10.86 -35.71
CA ALA A 228 5.44 -11.49 -34.75
C ALA A 228 4.57 -12.51 -35.46
N ALA A 229 4.11 -12.18 -36.66
CA ALA A 229 3.29 -13.10 -37.44
C ALA A 229 4.10 -14.32 -37.90
N ASP A 230 5.33 -14.07 -38.34
CA ASP A 230 6.20 -15.12 -38.88
C ASP A 230 6.65 -16.10 -37.79
N TYR A 231 6.93 -15.58 -36.60
CA TYR A 231 7.48 -16.41 -35.52
C TYR A 231 6.45 -16.67 -34.42
N ASP A 232 5.24 -16.17 -34.62
CA ASP A 232 4.13 -16.31 -33.66
C ASP A 232 4.55 -15.90 -32.25
N VAL A 233 4.98 -14.65 -32.11
CA VAL A 233 5.28 -14.10 -30.81
C VAL A 233 4.44 -12.85 -30.62
N ARG A 234 4.52 -12.26 -29.44
CA ARG A 234 3.64 -11.13 -29.15
C ARG A 234 4.33 -9.77 -29.19
N LEU A 235 3.51 -8.73 -29.15
CA LEU A 235 3.91 -7.34 -29.35
C LEU A 235 3.51 -6.52 -28.13
N HIS A 236 4.42 -5.66 -27.67
CA HIS A 236 4.21 -4.91 -26.42
C HIS A 236 4.80 -3.52 -26.56
N THR A 237 4.08 -2.51 -26.06
CA THR A 237 4.64 -1.16 -26.03
C THR A 237 3.89 -0.30 -25.02
N HIS A 238 4.44 0.87 -24.71
CA HIS A 238 3.73 1.85 -23.87
C HIS A 238 2.61 2.52 -24.67
N PHE A 239 1.57 2.98 -23.98
CA PHE A 239 0.35 3.41 -24.68
C PHE A 239 -0.40 4.49 -23.91
N TYR A 240 -0.57 5.63 -24.57
CA TYR A 240 -1.27 6.77 -24.01
C TYR A 240 -0.83 7.19 -22.61
N GLN A 241 0.47 7.40 -22.47
CA GLN A 241 0.97 8.19 -21.36
C GLN A 241 0.64 9.64 -21.73
N PRO A 242 0.33 10.47 -20.73
CA PRO A 242 0.05 11.86 -21.11
C PRO A 242 1.20 12.40 -21.96
N LEU A 243 0.91 13.36 -22.83
CA LEU A 243 1.95 13.91 -23.69
C LEU A 243 2.25 13.07 -24.93
N ASP A 244 1.90 11.79 -24.93
CA ASP A 244 2.15 10.96 -26.11
C ASP A 244 1.38 11.51 -27.30
N ALA A 245 0.14 11.94 -27.06
CA ALA A 245 -0.74 12.40 -28.12
C ALA A 245 -0.23 13.70 -28.76
N GLY A 246 0.41 14.54 -27.96
CA GLY A 246 0.99 15.77 -28.50
C GLY A 246 2.17 15.46 -29.39
N MET A 247 2.94 14.44 -29.02
CA MET A 247 4.13 14.10 -29.76
C MET A 247 3.75 13.42 -31.08
N SER A 248 2.75 12.55 -31.01
CA SER A 248 2.25 11.85 -32.19
C SER A 248 1.62 12.85 -33.15
N ASP A 249 0.88 13.80 -32.60
CA ASP A 249 0.27 14.82 -33.46
C ASP A 249 1.33 15.66 -34.15
N HIS A 250 2.38 16.02 -33.41
CA HIS A 250 3.42 16.88 -33.97
C HIS A 250 4.22 16.17 -35.06
N LEU A 251 4.59 14.92 -34.78
CA LEU A 251 5.42 14.14 -35.70
C LEU A 251 4.64 13.62 -36.92
N TYR A 252 3.42 13.18 -36.69
CA TYR A 252 2.71 12.38 -37.69
C TYR A 252 1.31 12.88 -38.03
N GLY A 253 0.79 13.80 -37.23
CA GLY A 253 -0.55 14.32 -37.45
C GLY A 253 -1.61 13.26 -37.21
N MET A 254 -1.33 12.32 -36.31
CA MET A 254 -2.32 11.32 -35.98
C MET A 254 -2.16 10.92 -34.52
N THR A 255 -3.17 10.26 -33.97
CA THR A 255 -3.12 9.83 -32.59
C THR A 255 -2.20 8.61 -32.45
N PRO A 256 -1.78 8.32 -31.21
CA PRO A 256 -0.96 7.12 -31.00
C PRO A 256 -1.66 5.84 -31.47
N TRP A 257 -2.96 5.74 -31.27
CA TRP A 257 -3.69 4.56 -31.70
C TRP A 257 -3.74 4.47 -33.22
N ARG A 258 -4.02 5.59 -33.88
CA ARG A 258 -4.02 5.60 -35.34
C ARG A 258 -2.65 5.24 -35.90
N PHE A 259 -1.60 5.68 -35.24
CA PHE A 259 -0.24 5.30 -35.60
C PHE A 259 -0.06 3.77 -35.50
N LEU A 260 -0.46 3.20 -34.37
CA LEU A 260 -0.33 1.75 -34.19
C LEU A 260 -1.12 0.97 -35.24
N GLU A 261 -2.35 1.41 -35.51
CA GLU A 261 -3.17 0.80 -36.56
C GLU A 261 -2.45 0.83 -37.91
N LYS A 262 -1.87 1.97 -38.23
CA LYS A 262 -1.23 2.18 -39.54
C LYS A 262 -0.04 1.26 -39.73
N HIS A 263 0.63 0.92 -38.63
CA HIS A 263 1.88 0.17 -38.71
C HIS A 263 1.76 -1.26 -38.18
N GLY A 264 0.54 -1.79 -38.17
CA GLY A 264 0.32 -3.21 -38.01
C GLY A 264 0.02 -3.69 -36.60
N TRP A 265 -0.19 -2.76 -35.68
CA TRP A 265 -0.31 -3.11 -34.26
C TRP A 265 -1.73 -3.07 -33.70
N ALA A 266 -2.71 -2.94 -34.58
CA ALA A 266 -4.10 -3.11 -34.13
C ALA A 266 -4.49 -4.57 -34.29
N SER A 267 -4.03 -5.41 -33.37
CA SER A 267 -4.25 -6.84 -33.50
C SER A 267 -4.26 -7.52 -32.16
N ASP A 268 -4.68 -8.78 -32.14
CA ASP A 268 -4.78 -9.52 -30.91
C ASP A 268 -3.44 -10.11 -30.46
N ARG A 269 -2.37 -9.69 -31.14
CA ARG A 269 -1.02 -10.08 -30.75
C ARG A 269 -0.41 -9.12 -29.72
N VAL A 270 -1.12 -8.02 -29.46
CA VAL A 270 -0.58 -6.85 -28.77
C VAL A 270 -1.08 -6.67 -27.35
N TRP A 271 -0.17 -6.36 -26.41
CA TRP A 271 -0.60 -5.81 -25.13
C TRP A 271 0.07 -4.47 -24.84
N LEU A 272 -0.69 -3.57 -24.22
CA LEU A 272 -0.30 -2.16 -24.12
C LEU A 272 -0.21 -1.69 -22.68
N ALA A 273 0.90 -1.05 -22.33
CA ALA A 273 1.14 -0.64 -20.94
C ALA A 273 0.57 0.75 -20.64
N HIS A 274 -0.10 0.87 -19.49
CA HIS A 274 -0.69 2.12 -18.98
C HIS A 274 -2.06 2.46 -19.56
N ALA A 275 -2.09 2.90 -20.82
CA ALA A 275 -3.33 3.32 -21.45
C ALA A 275 -4.08 4.31 -20.56
N VAL A 276 -3.38 5.36 -20.13
CA VAL A 276 -3.96 6.30 -19.14
C VAL A 276 -5.01 7.23 -19.75
N VAL A 277 -4.69 7.82 -20.91
CA VAL A 277 -5.51 8.90 -21.44
C VAL A 277 -5.91 8.78 -22.92
N PRO A 278 -6.54 7.64 -23.29
CA PRO A 278 -6.99 7.52 -24.67
C PRO A 278 -8.19 8.43 -24.95
N PRO A 279 -8.33 8.91 -26.18
CA PRO A 279 -9.60 9.54 -26.53
C PRO A 279 -10.70 8.50 -26.31
N ARG A 280 -11.76 8.87 -25.61
CA ARG A 280 -12.81 7.93 -25.29
C ARG A 280 -13.37 7.24 -26.54
N GLU A 281 -13.33 7.94 -27.67
CA GLU A 281 -13.90 7.41 -28.91
C GLU A 281 -13.13 6.21 -29.45
N GLU A 282 -11.87 6.06 -29.04
CA GLU A 282 -11.05 4.97 -29.56
C GLU A 282 -11.23 3.65 -28.81
N ILE A 283 -11.85 3.71 -27.64
CA ILE A 283 -11.96 2.54 -26.80
C ILE A 283 -12.68 1.37 -27.50
N PRO A 284 -13.79 1.65 -28.21
CA PRO A 284 -14.40 0.54 -28.94
C PRO A 284 -13.48 -0.02 -30.03
N GLU A 285 -12.62 0.82 -30.59
CA GLU A 285 -11.64 0.35 -31.57
C GLU A 285 -10.62 -0.60 -30.93
N PHE A 286 -10.16 -0.29 -29.71
CA PHE A 286 -9.26 -1.20 -29.01
C PHE A 286 -9.95 -2.55 -28.88
N ALA A 287 -11.23 -2.52 -28.52
CA ALA A 287 -11.98 -3.74 -28.29
C ALA A 287 -12.09 -4.58 -29.56
N ASP A 288 -12.44 -3.93 -30.67
CA ASP A 288 -12.62 -4.66 -31.93
C ASP A 288 -11.30 -5.24 -32.42
N ALA A 289 -10.20 -4.55 -32.17
CA ALA A 289 -8.88 -5.02 -32.61
C ALA A 289 -8.35 -6.15 -31.75
N GLY A 290 -8.84 -6.26 -30.53
CA GLY A 290 -8.46 -7.34 -29.63
C GLY A 290 -7.15 -7.11 -28.88
N VAL A 291 -6.71 -5.86 -28.82
CA VAL A 291 -5.54 -5.52 -28.02
C VAL A 291 -5.85 -5.67 -26.54
N ALA A 292 -4.81 -5.92 -25.75
CA ALA A 292 -4.96 -6.07 -24.32
C ALA A 292 -4.25 -4.91 -23.62
N ILE A 293 -4.67 -4.59 -22.41
CA ILE A 293 -4.11 -3.46 -21.69
C ILE A 293 -3.63 -3.88 -20.31
N ALA A 294 -2.43 -3.45 -19.95
CA ALA A 294 -1.95 -3.64 -18.58
C ALA A 294 -2.13 -2.36 -17.76
N HIS A 295 -2.93 -2.46 -16.69
CA HIS A 295 -3.11 -1.36 -15.76
C HIS A 295 -1.91 -1.28 -14.84
N LEU A 296 -1.34 -0.08 -14.72
CA LEU A 296 -0.15 0.13 -13.89
C LEU A 296 -0.41 1.31 -12.95
N ILE A 297 -1.20 1.05 -11.92
CA ILE A 297 -1.67 2.13 -11.05
C ILE A 297 -0.54 2.91 -10.37
N ALA A 298 0.51 2.22 -9.90
CA ALA A 298 1.53 2.90 -9.12
C ALA A 298 2.31 4.00 -9.90
N PRO A 299 2.85 3.67 -11.08
CA PRO A 299 3.52 4.74 -11.85
C PRO A 299 2.53 5.83 -12.32
N ASP A 300 1.31 5.45 -12.68
CA ASP A 300 0.32 6.43 -13.14
C ASP A 300 0.10 7.48 -12.05
N LEU A 301 0.03 7.03 -10.80
CA LEU A 301 -0.10 7.95 -9.69
C LEU A 301 1.20 8.70 -9.41
N ARG A 302 2.32 7.97 -9.39
CA ARG A 302 3.62 8.54 -9.06
C ARG A 302 3.99 9.69 -10.00
N MET A 303 3.56 9.60 -11.25
CA MET A 303 3.91 10.63 -12.24
C MET A 303 2.89 11.75 -12.28
N GLY A 304 1.82 11.62 -11.49
CA GLY A 304 0.74 12.60 -11.49
C GLY A 304 -0.24 12.46 -12.64
N TRP A 305 -0.20 11.30 -13.30
CA TRP A 305 -1.00 11.10 -14.51
C TRP A 305 -2.47 10.88 -14.22
N GLY A 306 -2.75 10.16 -13.15
CA GLY A 306 -4.13 9.91 -12.78
C GLY A 306 -4.62 8.51 -13.07
N LEU A 307 -5.92 8.41 -13.36
CA LEU A 307 -6.64 7.14 -13.38
C LEU A 307 -7.00 6.67 -14.79
N ALA A 308 -6.41 5.56 -15.22
CA ALA A 308 -6.77 4.95 -16.50
C ALA A 308 -8.23 4.52 -16.43
N PRO A 309 -8.96 4.60 -17.57
CA PRO A 309 -10.39 4.28 -17.58
C PRO A 309 -10.65 2.78 -17.59
N ILE A 310 -10.27 2.12 -16.50
CA ILE A 310 -10.31 0.67 -16.45
C ILE A 310 -11.74 0.13 -16.50
N ARG A 311 -12.66 0.78 -15.80
CA ARG A 311 -14.06 0.36 -15.84
C ARG A 311 -14.54 0.33 -17.29
N GLU A 312 -14.19 1.39 -18.03
CA GLU A 312 -14.56 1.51 -19.44
C GLU A 312 -13.98 0.37 -20.26
N TYR A 313 -12.73 0.01 -19.99
CA TYR A 313 -12.12 -1.12 -20.69
C TYR A 313 -12.86 -2.42 -20.41
N LEU A 314 -13.19 -2.64 -19.13
CA LEU A 314 -13.92 -3.84 -18.76
C LEU A 314 -15.32 -3.87 -19.38
N ASP A 315 -16.02 -2.74 -19.32
CA ASP A 315 -17.32 -2.59 -19.96
C ASP A 315 -17.25 -2.98 -21.45
N ALA A 316 -16.12 -2.66 -22.09
CA ALA A 316 -15.95 -2.88 -23.53
C ALA A 316 -15.47 -4.28 -23.88
N GLY A 317 -15.18 -5.10 -22.87
CA GLY A 317 -14.70 -6.44 -23.10
C GLY A 317 -13.23 -6.52 -23.47
N ILE A 318 -12.50 -5.46 -23.20
CA ILE A 318 -11.06 -5.43 -23.46
C ILE A 318 -10.33 -6.19 -22.36
N THR A 319 -9.37 -7.03 -22.75
CA THR A 319 -8.55 -7.74 -21.77
C THR A 319 -7.75 -6.75 -20.93
N VAL A 320 -7.90 -6.83 -19.61
CA VAL A 320 -7.14 -5.98 -18.70
C VAL A 320 -6.29 -6.80 -17.73
N GLY A 321 -4.98 -6.61 -17.81
CA GLY A 321 -4.06 -7.20 -16.84
C GLY A 321 -3.47 -6.16 -15.90
N PHE A 322 -2.42 -6.53 -15.16
CA PHE A 322 -1.88 -5.62 -14.14
C PHE A 322 -0.36 -5.76 -14.10
N GLY A 323 0.32 -4.68 -13.76
CA GLY A 323 1.79 -4.73 -13.62
C GLY A 323 2.26 -3.65 -12.68
N THR A 324 3.56 -3.63 -12.41
CA THR A 324 4.11 -2.67 -11.46
C THR A 324 4.93 -1.57 -12.12
N THR A 325 5.34 -1.82 -13.38
CA THR A 325 6.45 -1.10 -14.02
C THR A 325 7.75 -1.29 -13.24
N GLY A 326 8.81 -0.64 -13.71
CA GLY A 326 10.11 -0.75 -13.07
C GLY A 326 10.21 0.01 -11.75
N SER A 327 11.20 -0.37 -10.94
CA SER A 327 11.36 0.18 -9.61
C SER A 327 11.95 1.60 -9.55
N ALA A 328 12.12 2.26 -10.70
CA ALA A 328 12.49 3.67 -10.69
C ALA A 328 11.23 4.55 -10.68
N SER A 329 10.08 3.92 -10.91
CA SER A 329 8.79 4.62 -10.91
C SER A 329 7.75 3.78 -10.20
N ASN A 330 8.09 3.31 -9.00
CA ASN A 330 7.12 2.55 -8.24
C ASN A 330 7.15 2.76 -6.72
N ASP A 331 8.24 2.46 -6.00
CA ASP A 331 9.52 1.97 -6.52
C ASP A 331 9.77 0.53 -6.10
N GLY A 332 8.72 -0.26 -5.94
CA GLY A 332 8.89 -1.66 -5.57
C GLY A 332 8.38 -2.57 -6.66
N GLY A 333 8.49 -3.89 -6.45
CA GLY A 333 7.96 -4.88 -7.37
C GLY A 333 6.77 -5.58 -6.75
N ASN A 334 6.13 -4.92 -5.79
CA ASN A 334 5.04 -5.50 -5.02
C ASN A 334 3.67 -5.38 -5.71
N LEU A 335 3.35 -6.37 -6.52
CA LEU A 335 2.14 -6.34 -7.32
C LEU A 335 0.87 -6.42 -6.47
N LEU A 336 0.86 -7.32 -5.50
CA LEU A 336 -0.30 -7.43 -4.61
C LEU A 336 -0.57 -6.10 -3.92
N GLY A 337 0.48 -5.48 -3.41
CA GLY A 337 0.36 -4.19 -2.73
C GLY A 337 -0.23 -3.11 -3.64
N ASP A 338 0.21 -3.09 -4.89
CA ASP A 338 -0.28 -2.11 -5.83
C ASP A 338 -1.79 -2.29 -6.09
N LEU A 339 -2.29 -3.50 -5.97
CA LEU A 339 -3.73 -3.71 -6.14
C LEU A 339 -4.57 -2.88 -5.15
N ARG A 340 -4.10 -2.78 -3.91
CA ARG A 340 -4.78 -1.94 -2.92
C ARG A 340 -4.80 -0.48 -3.37
N LEU A 341 -3.71 -0.02 -3.97
CA LEU A 341 -3.67 1.34 -4.48
C LEU A 341 -4.77 1.55 -5.50
N ALA A 342 -4.93 0.60 -6.41
CA ALA A 342 -5.96 0.73 -7.44
C ALA A 342 -7.34 0.66 -6.80
N ALA A 343 -7.53 -0.29 -5.89
CA ALA A 343 -8.82 -0.47 -5.21
C ALA A 343 -9.33 0.82 -4.61
N LEU A 344 -8.43 1.59 -4.01
CA LEU A 344 -8.85 2.80 -3.31
C LEU A 344 -8.78 4.04 -4.22
N ALA A 345 -7.75 4.14 -5.06
CA ALA A 345 -7.51 5.38 -5.78
C ALA A 345 -8.55 5.66 -6.86
N HIS A 346 -9.17 4.60 -7.38
CA HIS A 346 -10.17 4.78 -8.43
C HIS A 346 -11.49 5.38 -7.89
N ARG A 347 -11.71 5.27 -6.59
CA ARG A 347 -13.02 5.57 -6.03
C ARG A 347 -13.46 7.05 -6.14
N PRO A 348 -12.57 8.00 -5.79
CA PRO A 348 -13.00 9.40 -5.87
C PRO A 348 -13.34 9.91 -7.28
N ALA A 349 -13.06 9.13 -8.32
CA ALA A 349 -13.44 9.54 -9.68
C ALA A 349 -14.93 9.36 -9.92
N ASP A 350 -15.56 8.56 -9.07
CA ASP A 350 -16.99 8.29 -9.20
C ASP A 350 -17.65 8.27 -7.82
N PRO A 351 -17.66 9.42 -7.14
CA PRO A 351 -18.06 9.57 -5.74
C PRO A 351 -19.43 8.98 -5.43
N ASN A 352 -20.35 9.04 -6.40
CA ASN A 352 -21.74 8.62 -6.15
C ASN A 352 -22.16 7.34 -6.88
N GLU A 353 -21.21 6.65 -7.51
CA GLU A 353 -21.51 5.44 -8.25
C GLU A 353 -20.53 4.33 -7.89
N PRO A 354 -20.65 3.77 -6.69
CA PRO A 354 -19.71 2.76 -6.18
C PRO A 354 -19.68 1.49 -7.03
N GLU A 355 -20.76 1.23 -7.76
CA GLU A 355 -20.78 0.07 -8.65
C GLU A 355 -19.72 0.17 -9.76
N LYS A 356 -19.23 1.38 -10.00
CA LYS A 356 -18.19 1.60 -11.00
C LYS A 356 -16.79 1.29 -10.46
N TRP A 357 -16.63 1.37 -9.13
CA TRP A 357 -15.32 1.17 -8.53
C TRP A 357 -14.84 -0.25 -8.79
N LEU A 358 -13.53 -0.42 -8.95
CA LEU A 358 -12.99 -1.76 -9.17
C LEU A 358 -13.04 -2.58 -7.88
N SER A 359 -13.50 -3.82 -7.98
CA SER A 359 -13.59 -4.67 -6.80
C SER A 359 -12.30 -5.44 -6.55
N ALA A 360 -12.15 -5.94 -5.33
CA ALA A 360 -11.01 -6.79 -5.00
C ALA A 360 -10.90 -7.98 -5.96
N ARG A 361 -12.02 -8.61 -6.28
CA ARG A 361 -11.97 -9.76 -7.18
C ARG A 361 -11.62 -9.37 -8.61
N GLU A 362 -12.12 -8.22 -9.07
CA GLU A 362 -11.76 -7.76 -10.41
C GLU A 362 -10.27 -7.49 -10.48
N LEU A 363 -9.72 -6.92 -9.41
CA LEU A 363 -8.31 -6.59 -9.35
C LEU A 363 -7.45 -7.85 -9.29
N LEU A 364 -7.82 -8.79 -8.42
CA LEU A 364 -7.11 -10.08 -8.36
C LEU A 364 -7.14 -10.82 -9.70
N ARG A 365 -8.28 -10.75 -10.38
CA ARG A 365 -8.41 -11.29 -11.73
C ARG A 365 -7.42 -10.63 -12.71
N MET A 366 -7.33 -9.31 -12.67
CA MET A 366 -6.41 -8.59 -13.54
C MET A 366 -4.99 -9.10 -13.32
N ALA A 367 -4.66 -9.35 -12.05
CA ALA A 367 -3.28 -9.71 -11.67
C ALA A 367 -2.95 -11.16 -11.95
N THR A 368 -3.95 -11.96 -12.33
CA THR A 368 -3.74 -13.36 -12.64
C THR A 368 -4.17 -13.67 -14.07
N ARG A 369 -5.46 -13.98 -14.25
CA ARG A 369 -5.97 -14.31 -15.59
C ARG A 369 -5.82 -13.18 -16.61
N GLY A 370 -6.04 -11.94 -16.19
CA GLY A 370 -5.93 -10.80 -17.07
C GLY A 370 -4.52 -10.65 -17.61
N SER A 371 -3.54 -10.65 -16.71
CA SER A 371 -2.14 -10.58 -17.12
C SER A 371 -1.75 -11.77 -17.99
N ALA A 372 -2.27 -12.96 -17.67
CA ALA A 372 -2.02 -14.15 -18.46
C ALA A 372 -2.49 -13.93 -19.91
N GLU A 373 -3.68 -13.37 -20.05
CA GLU A 373 -4.24 -13.07 -21.36
C GLU A 373 -3.43 -11.99 -22.08
N CYS A 374 -2.95 -11.01 -21.33
CA CYS A 374 -2.04 -10.01 -21.90
C CYS A 374 -0.82 -10.66 -22.55
N LEU A 375 -0.26 -11.65 -21.88
CA LEU A 375 0.96 -12.31 -22.31
C LEU A 375 0.68 -13.42 -23.34
N GLY A 376 -0.60 -13.63 -23.64
CA GLY A 376 -1.00 -14.69 -24.55
C GLY A 376 -0.75 -16.07 -23.98
N ARG A 377 -1.08 -16.25 -22.70
CA ARG A 377 -0.82 -17.51 -21.99
C ARG A 377 -2.08 -18.20 -21.51
N PRO A 378 -2.70 -19.02 -22.38
CA PRO A 378 -3.93 -19.70 -21.99
C PRO A 378 -3.65 -20.79 -20.98
N ASP A 379 -2.37 -21.11 -20.79
CA ASP A 379 -1.92 -22.13 -19.84
C ASP A 379 -1.68 -21.60 -18.43
N LEU A 380 -1.85 -20.29 -18.24
CA LEU A 380 -1.63 -19.68 -16.94
C LEU A 380 -2.85 -18.93 -16.40
N GLY A 381 -2.73 -18.43 -15.18
CA GLY A 381 -3.69 -17.50 -14.60
C GLY A 381 -5.00 -18.07 -14.05
N VAL A 382 -5.12 -19.40 -14.04
CA VAL A 382 -6.36 -20.07 -13.64
C VAL A 382 -6.05 -21.37 -12.91
N LEU A 383 -6.64 -21.55 -11.73
CA LEU A 383 -6.45 -22.80 -11.01
C LEU A 383 -7.46 -23.83 -11.50
N GLU A 384 -7.10 -24.58 -12.52
CA GLU A 384 -7.95 -25.66 -13.00
C GLU A 384 -7.14 -26.79 -13.64
N GLU A 385 -7.78 -27.95 -13.74
CA GLU A 385 -7.17 -29.09 -14.40
C GLU A 385 -6.62 -28.68 -15.77
N GLY A 386 -5.37 -29.03 -16.02
CA GLY A 386 -4.78 -28.80 -17.32
C GLY A 386 -3.90 -27.56 -17.42
N ARG A 387 -4.09 -26.61 -16.51
CA ARG A 387 -3.30 -25.38 -16.49
C ARG A 387 -1.97 -25.61 -15.77
N ALA A 388 -1.06 -24.66 -15.94
CA ALA A 388 0.25 -24.72 -15.29
C ALA A 388 0.10 -24.70 -13.77
N ALA A 389 0.94 -25.47 -13.09
CA ALA A 389 0.97 -25.46 -11.63
C ALA A 389 1.75 -24.24 -11.16
N ASP A 390 1.17 -23.06 -11.38
CA ASP A 390 1.72 -21.80 -10.88
C ASP A 390 0.72 -21.32 -9.84
N ILE A 391 1.12 -21.33 -8.57
CA ILE A 391 0.20 -21.15 -7.46
C ILE A 391 0.83 -20.24 -6.41
N ALA A 392 0.07 -19.27 -5.92
CA ALA A 392 0.52 -18.44 -4.80
C ALA A 392 -0.48 -18.48 -3.66
N CYS A 393 0.02 -18.70 -2.44
CA CYS A 393 -0.84 -18.79 -1.26
C CYS A 393 -0.36 -17.84 -0.18
N TRP A 394 -1.32 -17.26 0.55
CA TRP A 394 -1.06 -16.36 1.67
C TRP A 394 -1.73 -16.91 2.92
N ARG A 395 -1.11 -16.70 4.08
CA ARG A 395 -1.75 -17.10 5.34
C ARG A 395 -2.84 -16.12 5.70
N LEU A 396 -3.93 -16.65 6.24
CA LEU A 396 -5.08 -15.86 6.62
C LEU A 396 -5.20 -15.69 8.14
N ASP A 397 -4.33 -16.39 8.88
CA ASP A 397 -4.44 -16.49 10.33
C ASP A 397 -3.49 -15.60 11.14
N GLY A 398 -3.00 -14.52 10.52
CA GLY A 398 -2.19 -13.55 11.25
C GLY A 398 -3.02 -12.59 12.09
N VAL A 399 -2.39 -11.94 13.06
CA VAL A 399 -3.13 -11.05 13.96
C VAL A 399 -3.66 -9.85 13.17
N ASP A 400 -2.97 -9.51 12.09
CA ASP A 400 -3.36 -8.39 11.22
C ASP A 400 -4.51 -8.71 10.25
N ARG A 401 -5.02 -9.94 10.30
CA ARG A 401 -6.16 -10.27 9.46
C ARG A 401 -7.32 -10.83 10.28
N VAL A 402 -7.24 -10.68 11.59
CA VAL A 402 -8.36 -11.04 12.43
C VAL A 402 -9.56 -10.15 12.11
N GLY A 403 -10.74 -10.75 12.05
CA GLY A 403 -11.96 -10.02 11.81
C GLY A 403 -12.33 -9.89 10.34
N VAL A 404 -11.48 -10.44 9.46
CA VAL A 404 -11.76 -10.43 8.03
C VAL A 404 -12.90 -11.39 7.71
N HIS A 405 -13.90 -10.91 6.97
CA HIS A 405 -15.06 -11.74 6.64
C HIS A 405 -14.95 -12.42 5.27
N ASP A 406 -14.35 -11.74 4.32
CA ASP A 406 -14.15 -12.29 2.98
C ASP A 406 -12.65 -12.30 2.70
N PRO A 407 -12.05 -13.50 2.62
CA PRO A 407 -10.59 -13.64 2.48
C PRO A 407 -10.01 -12.98 1.23
N ALA A 408 -10.74 -13.01 0.11
CA ALA A 408 -10.25 -12.37 -1.10
C ALA A 408 -10.19 -10.84 -0.95
N ILE A 409 -11.26 -10.26 -0.40
CA ILE A 409 -11.24 -8.83 -0.14
C ILE A 409 -10.16 -8.53 0.90
N GLY A 410 -10.05 -9.41 1.90
CA GLY A 410 -9.11 -9.24 2.97
C GLY A 410 -7.68 -9.17 2.46
N LEU A 411 -7.39 -9.96 1.42
CA LEU A 411 -6.04 -10.03 0.87
C LEU A 411 -5.58 -8.67 0.32
N ILE A 412 -6.54 -7.87 -0.14
CA ILE A 412 -6.28 -6.53 -0.69
C ILE A 412 -6.49 -5.40 0.33
N MET A 413 -7.43 -5.56 1.26
CA MET A 413 -7.83 -4.45 2.12
C MET A 413 -7.24 -4.49 3.53
N THR A 414 -6.50 -5.53 3.86
CA THR A 414 -5.92 -5.64 5.19
C THR A 414 -4.48 -6.13 5.11
N GLY A 415 -3.77 -6.04 6.23
CA GLY A 415 -2.47 -6.69 6.35
C GLY A 415 -1.31 -5.75 6.54
N LEU A 416 -0.29 -6.23 7.23
CA LEU A 416 0.96 -5.49 7.38
C LEU A 416 1.94 -5.96 6.32
N SER A 417 1.66 -7.09 5.68
CA SER A 417 2.63 -7.69 4.77
C SER A 417 1.97 -8.38 3.58
N ASP A 418 2.58 -8.24 2.41
CA ASP A 418 2.08 -8.90 1.21
C ASP A 418 2.90 -10.17 0.89
N ARG A 419 3.78 -10.55 1.81
CA ARG A 419 4.62 -11.73 1.61
C ARG A 419 3.77 -12.99 1.47
N ALA A 420 3.95 -13.70 0.36
CA ALA A 420 3.31 -14.99 0.17
C ALA A 420 3.90 -16.05 1.09
N SER A 421 3.07 -17.00 1.50
CA SER A 421 3.52 -18.09 2.35
C SER A 421 4.12 -19.20 1.51
N LEU A 422 3.35 -19.67 0.52
CA LEU A 422 3.75 -20.79 -0.34
C LEU A 422 3.63 -20.39 -1.82
N VAL A 423 4.70 -20.61 -2.59
CA VAL A 423 4.69 -20.27 -4.02
C VAL A 423 5.24 -21.41 -4.86
N VAL A 424 4.48 -21.80 -5.87
CA VAL A 424 4.85 -22.91 -6.76
C VAL A 424 4.87 -22.39 -8.19
N VAL A 425 5.93 -22.71 -8.92
CA VAL A 425 6.02 -22.33 -10.33
C VAL A 425 6.41 -23.52 -11.18
N ASN A 426 5.59 -23.83 -12.17
CA ASN A 426 5.88 -24.95 -13.06
C ASN A 426 5.97 -26.24 -12.24
N GLY A 427 5.14 -26.31 -11.21
CA GLY A 427 5.08 -27.49 -10.36
C GLY A 427 6.20 -27.60 -9.36
N GLN A 428 7.06 -26.59 -9.33
CA GLN A 428 8.20 -26.57 -8.42
C GLN A 428 7.95 -25.62 -7.24
N VAL A 429 8.09 -26.14 -6.03
CA VAL A 429 7.92 -25.31 -4.84
C VAL A 429 9.12 -24.41 -4.66
N LEU A 430 8.90 -23.09 -4.71
CA LEU A 430 10.01 -22.15 -4.67
C LEU A 430 10.02 -21.29 -3.41
N VAL A 431 8.85 -21.12 -2.79
CA VAL A 431 8.76 -20.39 -1.54
C VAL A 431 7.92 -21.19 -0.56
N GLU A 432 8.40 -21.28 0.67
CA GLU A 432 7.63 -21.86 1.77
C GLU A 432 7.94 -21.09 3.05
N ASN A 433 6.92 -20.87 3.89
CA ASN A 433 7.11 -20.09 5.11
C ASN A 433 7.70 -18.72 4.83
N GLU A 434 7.27 -18.09 3.74
CA GLU A 434 7.77 -16.77 3.36
C GLU A 434 9.27 -16.74 3.09
N ARG A 435 9.84 -17.89 2.74
CA ARG A 435 11.27 -17.98 2.46
C ARG A 435 11.58 -18.81 1.22
N PRO A 436 12.60 -18.41 0.46
CA PRO A 436 12.96 -19.19 -0.72
C PRO A 436 13.49 -20.56 -0.32
N VAL A 437 13.04 -21.60 -1.00
CA VAL A 437 13.44 -22.96 -0.67
C VAL A 437 14.72 -23.40 -1.41
N LEU A 438 14.98 -22.78 -2.55
CA LEU A 438 16.14 -23.14 -3.37
C LEU A 438 17.16 -22.01 -3.47
N ALA A 439 16.67 -20.78 -3.55
CA ALA A 439 17.53 -19.62 -3.66
C ALA A 439 18.16 -19.28 -2.32
N ASP A 440 19.42 -18.85 -2.35
CA ASP A 440 20.09 -18.40 -1.13
C ASP A 440 19.81 -16.91 -0.92
N LEU A 441 18.78 -16.64 -0.14
CA LEU A 441 18.29 -15.28 0.09
C LEU A 441 19.40 -14.32 0.49
N GLU A 442 20.08 -14.64 1.59
CA GLU A 442 21.11 -13.76 2.14
C GLU A 442 22.27 -13.49 1.18
N ARG A 443 22.72 -14.51 0.45
CA ARG A 443 23.82 -14.36 -0.48
C ARG A 443 23.41 -13.50 -1.65
N ILE A 444 22.18 -13.70 -2.12
CA ILE A 444 21.65 -12.92 -3.23
C ILE A 444 21.60 -11.45 -2.85
N VAL A 445 21.06 -11.16 -1.68
CA VAL A 445 21.04 -9.77 -1.20
C VAL A 445 22.45 -9.21 -1.10
N ALA A 446 23.37 -9.95 -0.51
CA ALA A 446 24.74 -9.47 -0.36
C ALA A 446 25.39 -9.18 -1.72
N ASN A 447 25.28 -10.14 -2.62
CA ASN A 447 25.90 -10.03 -3.95
C ASN A 447 25.35 -8.88 -4.77
N THR A 448 24.03 -8.73 -4.78
CA THR A 448 23.44 -7.66 -5.57
C THR A 448 23.76 -6.30 -4.96
N THR A 449 23.64 -6.21 -3.63
CA THR A 449 23.89 -4.96 -2.93
C THR A 449 25.29 -4.43 -3.25
N ALA A 450 26.26 -5.33 -3.33
CA ALA A 450 27.65 -4.99 -3.64
C ALA A 450 27.80 -4.36 -5.03
N LEU A 451 26.83 -4.64 -5.90
CA LEU A 451 26.91 -4.21 -7.30
C LEU A 451 26.09 -2.96 -7.63
N ILE A 452 25.26 -2.50 -6.70
CA ILE A 452 24.48 -1.29 -6.94
C ILE A 452 25.40 -0.10 -7.06
N PRO A 453 25.32 0.65 -8.17
CA PRO A 453 26.25 1.77 -8.34
C PRO A 453 25.95 2.88 -7.32
N MET B 1 19.90 0.33 31.75
CA MET B 1 19.79 1.10 30.52
C MET B 1 19.92 0.24 29.28
N ILE B 2 19.36 0.72 28.17
CA ILE B 2 19.37 -0.03 26.93
C ILE B 2 20.02 0.79 25.83
N LEU B 3 20.98 0.18 25.16
CA LEU B 3 21.68 0.81 24.06
C LEU B 3 21.33 0.11 22.74
N ILE B 4 20.78 0.87 21.80
CA ILE B 4 20.63 0.39 20.44
C ILE B 4 21.79 0.94 19.64
N ARG B 5 22.69 0.04 19.23
CA ARG B 5 23.96 0.45 18.64
C ARG B 5 24.08 0.24 17.14
N GLY B 6 24.58 1.26 16.45
CA GLY B 6 24.96 1.11 15.06
C GLY B 6 23.80 1.06 14.07
N LEU B 7 22.69 1.68 14.42
CA LEU B 7 21.60 1.87 13.47
C LEU B 7 22.16 2.47 12.19
N THR B 8 21.75 1.91 11.05
CA THR B 8 22.20 2.41 9.76
C THR B 8 21.73 3.85 9.52
N ARG B 9 20.51 4.14 9.92
CA ARG B 9 19.95 5.48 9.76
C ARG B 9 19.01 5.78 10.92
N VAL B 10 19.12 6.99 11.44
CA VAL B 10 18.23 7.46 12.49
C VAL B 10 17.56 8.73 11.99
N ILE B 11 16.23 8.77 12.03
CA ILE B 11 15.49 9.95 11.63
C ILE B 11 14.92 10.58 12.89
N THR B 12 15.41 11.75 13.30
CA THR B 12 15.00 12.28 14.61
C THR B 12 13.70 13.07 14.61
N PHE B 13 13.43 13.77 13.51
CA PHE B 13 12.40 14.80 13.47
C PHE B 13 12.56 15.85 14.57
N ASP B 14 13.81 16.09 14.97
CA ASP B 14 14.08 17.16 15.93
C ASP B 14 13.99 18.51 15.23
N ASP B 15 14.26 19.58 15.97
CA ASP B 15 13.98 20.91 15.45
C ASP B 15 14.88 21.30 14.27
N GLN B 16 15.90 20.51 14.01
CA GLN B 16 16.73 20.74 12.83
C GLN B 16 16.61 19.62 11.80
N GLU B 17 15.58 18.79 11.95
CA GLU B 17 15.38 17.64 11.07
C GLU B 17 16.65 16.81 10.92
N ARG B 18 17.40 16.67 12.01
CA ARG B 18 18.64 15.89 12.00
C ARG B 18 18.39 14.43 11.62
N GLU B 19 19.29 13.88 10.83
CA GLU B 19 19.36 12.44 10.63
C GLU B 19 20.76 11.99 10.97
N LEU B 20 20.92 10.72 11.32
CA LEU B 20 22.23 10.19 11.63
C LEU B 20 22.46 8.86 10.92
N GLU B 21 23.72 8.61 10.58
CA GLU B 21 24.09 7.37 9.93
C GLU B 21 25.03 6.62 10.88
N ASP B 22 24.84 5.32 11.01
CA ASP B 22 25.70 4.51 11.86
C ASP B 22 25.80 5.11 13.26
N ALA B 23 24.66 5.20 13.94
CA ALA B 23 24.59 5.91 15.20
C ALA B 23 23.78 5.13 16.21
N ASP B 24 23.77 5.62 17.45
CA ASP B 24 23.17 4.88 18.55
C ASP B 24 22.03 5.66 19.23
N ILE B 25 21.18 4.91 19.92
CA ILE B 25 20.17 5.49 20.81
C ILE B 25 20.34 4.87 22.18
N LEU B 26 20.47 5.72 23.18
CA LEU B 26 20.62 5.28 24.57
C LEU B 26 19.33 5.57 25.34
N ILE B 27 18.85 4.57 26.08
CA ILE B 27 17.57 4.64 26.78
C ILE B 27 17.71 4.37 28.28
N ASP B 28 17.03 5.15 29.11
CA ASP B 28 17.03 4.92 30.55
C ASP B 28 15.60 4.99 31.08
N GLY B 29 15.08 3.84 31.51
CA GLY B 29 13.69 3.76 31.91
C GLY B 29 12.81 4.16 30.74
N PRO B 30 11.91 5.12 30.96
CA PRO B 30 10.92 5.58 29.98
C PRO B 30 11.47 6.59 28.97
N LYS B 31 12.69 7.07 29.16
CA LYS B 31 13.18 8.18 28.35
C LYS B 31 14.46 7.91 27.56
N ILE B 32 14.63 8.71 26.51
CA ILE B 32 15.84 8.70 25.71
C ILE B 32 16.91 9.52 26.42
N VAL B 33 18.08 8.91 26.62
CA VAL B 33 19.21 9.59 27.26
C VAL B 33 20.06 10.33 26.25
N ALA B 34 20.34 9.69 25.11
CA ALA B 34 21.17 10.31 24.09
C ALA B 34 20.94 9.67 22.73
N VAL B 35 21.25 10.43 21.67
CA VAL B 35 21.20 9.95 20.30
C VAL B 35 22.44 10.48 19.59
N GLY B 36 23.30 9.58 19.11
CA GLY B 36 24.54 9.98 18.46
C GLY B 36 25.51 8.83 18.23
N LYS B 37 26.68 9.13 17.68
CA LYS B 37 27.67 8.10 17.39
C LYS B 37 28.45 7.61 18.61
N ASP B 38 28.77 6.32 18.60
CA ASP B 38 29.63 5.70 19.61
C ASP B 38 29.28 6.08 21.04
N LEU B 39 28.02 5.91 21.41
CA LEU B 39 27.59 6.19 22.77
C LEU B 39 28.19 5.18 23.75
N SER B 40 28.46 5.63 24.97
CA SER B 40 29.08 4.76 25.96
C SER B 40 28.11 3.69 26.46
N ASP B 41 28.59 2.46 26.57
CA ASP B 41 27.79 1.39 27.14
C ASP B 41 28.00 1.31 28.65
N ARG B 42 28.19 2.48 29.27
CA ARG B 42 28.46 2.60 30.70
C ARG B 42 27.56 1.70 31.55
N SER B 43 26.40 2.22 31.93
CA SER B 43 25.48 1.51 32.82
C SER B 43 24.52 0.67 32.02
N VAL B 44 24.87 0.44 30.75
CA VAL B 44 24.05 -0.35 29.85
C VAL B 44 23.95 -1.80 30.30
N SER B 45 22.74 -2.27 30.55
CA SER B 45 22.53 -3.66 30.92
C SER B 45 22.19 -4.49 29.69
N ARG B 46 21.99 -3.82 28.56
CA ARG B 46 21.65 -4.52 27.34
C ARG B 46 21.92 -3.72 26.08
N THR B 47 22.64 -4.34 25.14
CA THR B 47 22.94 -3.70 23.86
C THR B 47 22.21 -4.44 22.74
N ILE B 48 21.47 -3.68 21.94
CA ILE B 48 20.74 -4.24 20.80
C ILE B 48 21.45 -3.82 19.52
N ASP B 49 21.71 -4.79 18.66
CA ASP B 49 22.39 -4.55 17.40
C ASP B 49 21.43 -3.89 16.43
N GLY B 50 21.74 -2.65 16.06
CA GLY B 50 20.91 -1.88 15.15
C GLY B 50 21.36 -1.87 13.71
N ARG B 51 22.48 -2.53 13.42
CA ARG B 51 23.00 -2.51 12.07
C ARG B 51 21.97 -3.01 11.07
N GLY B 52 21.84 -2.30 9.97
CA GLY B 52 20.94 -2.70 8.91
C GLY B 52 19.52 -2.23 9.14
N MET B 53 19.33 -1.39 10.15
CA MET B 53 18.01 -0.86 10.46
C MET B 53 17.93 0.65 10.31
N ILE B 54 16.72 1.12 10.01
CA ILE B 54 16.40 2.54 10.14
C ILE B 54 15.51 2.74 11.37
N ALA B 55 15.85 3.73 12.19
CA ALA B 55 15.07 4.04 13.38
C ALA B 55 14.31 5.36 13.22
N LEU B 56 13.05 5.35 13.64
CA LEU B 56 12.23 6.54 13.70
C LEU B 56 11.58 6.65 15.08
N PRO B 57 11.00 7.81 15.38
CA PRO B 57 10.12 7.84 16.55
C PRO B 57 8.99 6.85 16.29
N GLY B 58 8.41 6.26 17.33
CA GLY B 58 7.27 5.40 17.14
C GLY B 58 6.17 6.11 16.37
N LEU B 59 5.52 5.39 15.46
CA LEU B 59 4.39 5.99 14.73
C LEU B 59 3.24 6.18 15.72
N ILE B 60 2.46 7.23 15.50
CA ILE B 60 1.35 7.57 16.39
C ILE B 60 0.10 7.68 15.53
N ASN B 61 -0.83 6.76 15.74
CA ASN B 61 -2.08 6.75 15.01
C ASN B 61 -3.06 7.70 15.69
N SER B 62 -3.29 8.87 15.09
CA SER B 62 -4.07 9.88 15.80
C SER B 62 -5.60 9.79 15.64
N HIS B 63 -6.07 8.73 14.99
CA HIS B 63 -7.51 8.50 14.85
C HIS B 63 -7.83 7.03 14.56
N GLN B 64 -8.35 6.32 15.57
CA GLN B 64 -8.76 4.92 15.40
C GLN B 64 -10.22 4.73 15.83
N HIS B 65 -10.83 3.66 15.34
CA HIS B 65 -12.07 3.14 15.90
C HIS B 65 -11.85 1.64 16.09
N LEU B 66 -11.21 1.28 17.19
CA LEU B 66 -10.74 -0.08 17.39
C LEU B 66 -11.82 -1.14 17.20
N TYR B 67 -13.03 -0.87 17.68
CA TYR B 67 -14.07 -1.90 17.65
C TYR B 67 -14.37 -2.36 16.21
N GLU B 68 -14.04 -1.53 15.22
CA GLU B 68 -14.30 -1.88 13.81
C GLU B 68 -13.39 -2.99 13.29
N GLY B 69 -12.44 -3.44 14.11
CA GLY B 69 -11.60 -4.56 13.74
C GLY B 69 -12.44 -5.80 13.44
N ALA B 70 -13.63 -5.86 14.04
CA ALA B 70 -14.50 -7.00 13.85
C ALA B 70 -15.32 -6.94 12.55
N MET B 71 -15.13 -5.86 11.80
CA MET B 71 -16.00 -5.57 10.67
C MET B 71 -15.21 -5.40 9.37
N ARG B 72 -14.17 -6.21 9.24
CA ARG B 72 -13.26 -6.12 8.11
C ARG B 72 -13.72 -6.91 6.90
N ALA B 73 -13.50 -6.34 5.72
CA ALA B 73 -13.70 -7.08 4.47
C ALA B 73 -15.08 -7.76 4.42
N ILE B 74 -16.11 -6.99 4.74
CA ILE B 74 -17.48 -7.46 4.57
C ILE B 74 -17.92 -7.17 3.14
N PRO B 75 -18.31 -8.22 2.38
CA PRO B 75 -18.62 -8.00 0.96
C PRO B 75 -19.64 -6.89 0.70
N GLN B 76 -20.73 -6.84 1.46
CA GLN B 76 -21.75 -5.82 1.25
C GLN B 76 -21.29 -4.40 1.58
N LEU B 77 -20.14 -4.26 2.20
CA LEU B 77 -19.61 -2.94 2.56
C LEU B 77 -18.35 -2.59 1.75
N GLU B 78 -18.02 -3.40 0.76
CA GLU B 78 -16.79 -3.18 -0.02
C GLU B 78 -16.84 -1.89 -0.85
N ARG B 79 -17.93 -1.70 -1.57
CA ARG B 79 -18.11 -0.54 -2.43
C ARG B 79 -19.41 0.17 -2.08
N VAL B 80 -19.34 1.10 -1.12
CA VAL B 80 -20.53 1.82 -0.67
C VAL B 80 -20.19 3.28 -0.42
N THR B 81 -21.18 4.14 -0.57
CA THR B 81 -21.06 5.54 -0.19
C THR B 81 -21.21 5.66 1.33
N MET B 82 -20.92 6.84 1.87
CA MET B 82 -21.00 7.05 3.31
C MET B 82 -22.35 6.62 3.89
N ALA B 83 -23.44 7.07 3.28
CA ALA B 83 -24.78 6.77 3.78
C ALA B 83 -25.01 5.27 3.93
N SER B 84 -24.72 4.51 2.88
CA SER B 84 -24.90 3.06 2.90
C SER B 84 -23.93 2.44 3.90
N TRP B 85 -22.74 3.03 4.02
CA TRP B 85 -21.72 2.53 4.91
C TRP B 85 -22.18 2.66 6.37
N LEU B 86 -22.63 3.85 6.74
CA LEU B 86 -23.07 4.12 8.10
C LEU B 86 -24.24 3.21 8.45
N GLU B 87 -25.17 3.08 7.50
CA GLU B 87 -26.31 2.18 7.67
C GLU B 87 -25.86 0.75 7.96
N GLY B 88 -24.93 0.25 7.16
CA GLY B 88 -24.45 -1.11 7.30
C GLY B 88 -23.69 -1.36 8.58
N VAL B 89 -22.90 -0.38 9.01
CA VAL B 89 -22.10 -0.54 10.23
C VAL B 89 -22.94 -0.43 11.50
N LEU B 90 -23.84 0.55 11.52
CA LEU B 90 -24.71 0.75 12.69
C LEU B 90 -25.69 -0.40 12.87
N THR B 91 -26.16 -0.96 11.76
CA THR B 91 -27.09 -2.08 11.81
C THR B 91 -26.42 -3.31 12.38
N ARG B 92 -25.24 -3.64 11.85
CA ARG B 92 -24.52 -4.82 12.27
C ARG B 92 -24.10 -4.75 13.73
N SER B 93 -23.55 -3.60 14.13
CA SER B 93 -23.08 -3.45 15.50
C SER B 93 -24.24 -3.54 16.49
N ALA B 94 -25.30 -2.78 16.26
CA ALA B 94 -26.48 -2.84 17.12
C ALA B 94 -27.10 -4.23 17.14
N GLY B 95 -27.12 -4.89 15.99
CA GLY B 95 -27.70 -6.22 15.85
C GLY B 95 -26.88 -7.30 16.56
N TRP B 96 -25.56 -7.21 16.43
CA TRP B 96 -24.69 -8.12 17.16
C TRP B 96 -24.82 -7.88 18.65
N TRP B 97 -24.95 -6.61 19.03
CA TRP B 97 -24.98 -6.24 20.44
C TRP B 97 -26.26 -6.75 21.08
N ARG B 98 -27.37 -6.58 20.36
CA ARG B 98 -28.66 -7.01 20.87
C ARG B 98 -28.64 -8.51 21.10
N ASP B 99 -27.83 -9.22 20.30
CA ASP B 99 -27.74 -10.68 20.38
C ASP B 99 -26.63 -11.16 21.32
N GLY B 100 -26.09 -10.25 22.11
CA GLY B 100 -25.10 -10.59 23.13
C GLY B 100 -23.72 -10.92 22.57
N LYS B 101 -23.52 -10.62 21.29
CA LYS B 101 -22.27 -10.96 20.59
C LYS B 101 -21.27 -9.81 20.52
N PHE B 102 -21.58 -8.69 21.14
CA PHE B 102 -20.76 -7.49 20.94
C PHE B 102 -20.63 -6.69 22.22
N GLY B 103 -20.42 -7.39 23.33
CA GLY B 103 -20.22 -6.74 24.61
C GLY B 103 -18.78 -6.31 24.85
N PRO B 104 -18.53 -5.61 25.96
CA PRO B 104 -17.18 -5.13 26.28
C PRO B 104 -16.14 -6.25 26.21
N ASP B 105 -16.54 -7.47 26.56
CA ASP B 105 -15.61 -8.59 26.52
C ASP B 105 -15.14 -8.89 25.09
N VAL B 106 -16.03 -8.71 24.12
CA VAL B 106 -15.65 -8.89 22.72
C VAL B 106 -14.79 -7.72 22.24
N ILE B 107 -15.21 -6.51 22.57
CA ILE B 107 -14.44 -5.32 22.20
C ILE B 107 -13.03 -5.34 22.80
N ARG B 108 -12.88 -5.84 24.02
CA ARG B 108 -11.55 -5.96 24.62
C ARG B 108 -10.61 -6.78 23.73
N GLU B 109 -11.11 -7.88 23.20
CA GLU B 109 -10.26 -8.78 22.44
C GLU B 109 -10.04 -8.29 21.00
N VAL B 110 -11.03 -7.61 20.44
CA VAL B 110 -10.85 -7.01 19.12
C VAL B 110 -9.78 -5.91 19.25
N ALA B 111 -9.91 -5.08 20.27
CA ALA B 111 -8.91 -4.03 20.55
C ALA B 111 -7.55 -4.64 20.76
N ARG B 112 -7.49 -5.75 21.50
CA ARG B 112 -6.20 -6.40 21.75
C ARG B 112 -5.51 -6.79 20.43
N ALA B 113 -6.28 -7.35 19.51
CA ALA B 113 -5.73 -7.75 18.22
C ALA B 113 -5.27 -6.55 17.39
N VAL B 114 -6.10 -5.52 17.29
CA VAL B 114 -5.77 -4.37 16.45
C VAL B 114 -4.58 -3.61 17.04
N LEU B 115 -4.52 -3.53 18.36
CA LEU B 115 -3.39 -2.86 19.01
C LEU B 115 -2.09 -3.66 18.88
N LEU B 116 -2.19 -4.99 18.91
CA LEU B 116 -1.02 -5.82 18.68
C LEU B 116 -0.54 -5.65 17.24
N GLU B 117 -1.47 -5.67 16.28
CA GLU B 117 -1.13 -5.39 14.90
C GLU B 117 -0.42 -4.03 14.82
N SER B 118 -0.95 -3.05 15.56
CA SER B 118 -0.38 -1.69 15.57
C SER B 118 1.09 -1.71 15.99
N LEU B 119 1.38 -2.38 17.10
CA LEU B 119 2.77 -2.55 17.53
C LEU B 119 3.62 -3.19 16.45
N LEU B 120 3.10 -4.23 15.81
CA LEU B 120 3.85 -4.93 14.78
C LEU B 120 4.08 -4.06 13.54
N GLY B 121 3.26 -3.03 13.38
CA GLY B 121 3.41 -2.06 12.32
C GLY B 121 4.21 -0.82 12.72
N GLY B 122 4.87 -0.87 13.88
CA GLY B 122 5.68 0.24 14.32
C GLY B 122 4.92 1.36 15.02
N ILE B 123 3.65 1.14 15.31
CA ILE B 123 2.83 2.14 16.00
C ILE B 123 2.93 1.99 17.50
N THR B 124 3.35 3.05 18.19
CA THR B 124 3.62 2.99 19.62
C THR B 124 2.57 3.73 20.45
N THR B 125 1.78 4.59 19.81
CA THR B 125 0.67 5.29 20.48
C THR B 125 -0.54 5.26 19.58
N VAL B 126 -1.71 4.97 20.14
CA VAL B 126 -2.96 4.97 19.38
C VAL B 126 -3.99 5.83 20.11
N ALA B 127 -4.68 6.69 19.38
CA ALA B 127 -5.83 7.41 19.94
C ALA B 127 -7.10 6.78 19.41
N ASP B 128 -7.85 6.12 20.28
CA ASP B 128 -9.10 5.48 19.87
C ASP B 128 -10.30 6.33 20.23
N GLN B 129 -11.26 6.40 19.31
CA GLN B 129 -12.53 7.07 19.55
C GLN B 129 -13.63 6.02 19.45
N HIS B 130 -13.99 5.41 20.57
CA HIS B 130 -14.97 4.34 20.54
C HIS B 130 -16.37 4.90 20.30
N LEU B 131 -17.00 4.44 19.21
CA LEU B 131 -18.24 5.08 18.74
C LEU B 131 -19.51 4.31 19.06
N PHE B 132 -19.38 3.19 19.78
CA PHE B 132 -20.53 2.31 19.99
C PHE B 132 -20.96 2.24 21.45
N PHE B 133 -21.99 3.02 21.80
CA PHE B 133 -22.48 3.04 23.17
C PHE B 133 -23.97 2.72 23.26
N PRO B 134 -24.35 1.46 22.97
CA PRO B 134 -25.75 1.04 22.95
C PRO B 134 -26.41 1.16 24.32
N GLY B 135 -27.69 1.49 24.33
CA GLY B 135 -28.41 1.68 25.59
C GLY B 135 -27.99 2.98 26.24
N ALA B 136 -28.92 3.61 26.95
CA ALA B 136 -28.68 4.90 27.58
C ALA B 136 -27.38 4.93 28.40
N THR B 137 -27.00 3.78 28.94
CA THR B 137 -25.82 3.67 29.80
C THR B 137 -24.64 3.04 29.07
N ALA B 138 -23.65 3.87 28.74
CA ALA B 138 -22.43 3.39 28.10
C ALA B 138 -21.72 2.37 29.00
N ASP B 139 -21.66 1.14 28.52
CA ASP B 139 -21.04 0.05 29.27
C ASP B 139 -19.55 0.33 29.50
N SER B 140 -18.82 -0.69 29.90
CA SER B 140 -17.39 -0.55 30.13
C SER B 140 -16.58 -0.79 28.86
N TYR B 141 -17.05 -0.28 27.73
CA TYR B 141 -16.32 -0.42 26.46
C TYR B 141 -14.97 0.30 26.51
N ILE B 142 -14.96 1.52 27.03
CA ILE B 142 -13.71 2.28 27.12
C ILE B 142 -12.73 1.57 28.04
N ASP B 143 -13.23 1.08 29.17
CA ASP B 143 -12.39 0.33 30.09
C ASP B 143 -11.80 -0.88 29.38
N ALA B 144 -12.61 -1.56 28.57
CA ALA B 144 -12.13 -2.70 27.80
C ALA B 144 -10.95 -2.35 26.90
N THR B 145 -11.05 -1.24 26.18
CA THR B 145 -9.97 -0.83 25.27
C THR B 145 -8.73 -0.45 26.06
N ILE B 146 -8.92 0.19 27.21
CA ILE B 146 -7.78 0.60 28.02
C ILE B 146 -7.11 -0.65 28.60
N GLU B 147 -7.93 -1.63 28.99
CA GLU B 147 -7.41 -2.88 29.54
C GLU B 147 -6.52 -3.58 28.52
N ALA B 148 -6.99 -3.63 27.28
CA ALA B 148 -6.22 -4.27 26.23
C ALA B 148 -4.91 -3.53 25.99
N ALA B 149 -4.96 -2.20 25.94
CA ALA B 149 -3.78 -1.40 25.68
C ALA B 149 -2.74 -1.56 26.79
N THR B 150 -3.21 -1.54 28.04
CA THR B 150 -2.30 -1.65 29.17
C THR B 150 -1.68 -3.04 29.26
N ASP B 151 -2.43 -4.08 28.91
CA ASP B 151 -1.90 -5.44 28.88
C ASP B 151 -0.76 -5.54 27.87
N LEU B 152 -0.92 -4.86 26.74
CA LEU B 152 0.08 -4.93 25.66
C LEU B 152 1.28 -4.03 25.88
N GLY B 153 1.07 -2.93 26.59
CA GLY B 153 2.11 -1.95 26.81
C GLY B 153 2.19 -0.87 25.73
N ILE B 154 1.14 -0.76 24.93
CA ILE B 154 1.08 0.31 23.94
C ILE B 154 0.55 1.59 24.59
N ARG B 155 1.13 2.74 24.22
CA ARG B 155 0.70 4.03 24.75
C ARG B 155 -0.68 4.35 24.17
N PHE B 156 -1.57 4.93 24.96
CA PHE B 156 -2.98 4.94 24.58
C PHE B 156 -3.72 6.21 24.99
N HIS B 157 -4.42 6.82 24.03
CA HIS B 157 -5.39 7.86 24.35
C HIS B 157 -6.78 7.39 23.97
N ALA B 158 -7.71 7.60 24.89
CA ALA B 158 -9.08 7.18 24.68
C ALA B 158 -9.90 8.45 24.57
N ALA B 159 -10.39 8.76 23.37
CA ALA B 159 -11.27 9.92 23.19
C ALA B 159 -12.71 9.48 23.42
N ARG B 160 -13.27 9.83 24.57
CA ARG B 160 -14.63 9.41 24.91
C ARG B 160 -15.64 10.04 23.95
N SER B 161 -16.31 9.21 23.16
CA SER B 161 -17.20 9.74 22.14
C SER B 161 -18.66 9.69 22.55
N SER B 162 -19.53 10.21 21.69
CA SER B 162 -20.94 10.34 22.03
C SER B 162 -21.75 10.68 20.79
N MET B 163 -23.07 10.57 20.93
CA MET B 163 -24.00 11.00 19.90
C MET B 163 -25.18 11.66 20.59
N THR B 164 -24.95 12.86 21.09
CA THR B 164 -25.89 13.49 22.01
C THR B 164 -27.09 14.12 21.31
N LEU B 165 -27.00 14.29 19.99
CA LEU B 165 -28.11 14.86 19.24
C LEU B 165 -28.91 13.76 18.55
N GLY B 166 -30.05 13.41 19.15
CA GLY B 166 -30.87 12.33 18.63
C GLY B 166 -31.82 12.78 17.53
N LYS B 167 -32.13 11.86 16.61
CA LYS B 167 -33.04 12.17 15.51
C LYS B 167 -34.45 12.41 16.00
N SER B 168 -34.71 12.05 17.26
CA SER B 168 -36.00 12.31 17.89
C SER B 168 -36.19 13.81 18.09
N GLU B 169 -35.15 14.58 17.80
CA GLU B 169 -35.21 16.03 17.92
C GLU B 169 -34.31 16.73 16.90
N GLY B 170 -34.48 16.36 15.64
CA GLY B 170 -33.81 17.05 14.55
C GLY B 170 -32.38 16.59 14.29
N GLY B 171 -31.94 15.59 15.06
CA GLY B 171 -30.61 15.05 14.90
C GLY B 171 -30.55 13.98 13.84
N PHE B 172 -29.46 13.21 13.83
CA PHE B 172 -29.30 12.14 12.85
C PHE B 172 -28.96 10.82 13.55
N CYS B 173 -28.85 10.87 14.87
CA CYS B 173 -28.44 9.71 15.66
C CYS B 173 -29.65 8.97 16.24
N ASP B 174 -29.68 7.66 16.06
CA ASP B 174 -30.72 6.83 16.67
C ASP B 174 -30.76 7.10 18.17
N ASP B 175 -31.92 6.91 18.77
CA ASP B 175 -32.10 7.19 20.20
C ASP B 175 -31.43 6.13 21.08
N LEU B 176 -30.97 5.05 20.46
CA LEU B 176 -30.34 3.96 21.19
C LEU B 176 -28.97 4.39 21.74
N PHE B 177 -28.35 5.37 21.08
CA PHE B 177 -27.00 5.78 21.42
C PHE B 177 -26.93 7.17 22.07
N VAL B 178 -28.09 7.79 22.25
CA VAL B 178 -28.16 9.18 22.69
C VAL B 178 -28.17 9.32 24.22
N GLU B 179 -27.16 9.97 24.76
CA GLU B 179 -27.07 10.21 26.20
C GLU B 179 -27.27 11.68 26.51
N PRO B 180 -27.89 11.97 27.66
CA PRO B 180 -28.00 13.37 28.12
C PRO B 180 -26.62 13.96 28.28
N VAL B 181 -26.45 15.23 27.95
CA VAL B 181 -25.15 15.88 28.05
C VAL B 181 -24.47 15.66 29.40
N ASP B 182 -25.20 15.90 30.50
CA ASP B 182 -24.60 15.74 31.83
C ASP B 182 -24.14 14.32 32.09
N ARG B 183 -24.80 13.33 31.49
CA ARG B 183 -24.38 11.96 31.67
C ARG B 183 -23.03 11.72 31.00
N VAL B 184 -22.84 12.28 29.80
CA VAL B 184 -21.56 12.15 29.11
C VAL B 184 -20.46 12.84 29.90
N VAL B 185 -20.74 14.06 30.34
CA VAL B 185 -19.78 14.85 31.10
C VAL B 185 -19.33 14.06 32.33
N GLN B 186 -20.31 13.47 33.00
CA GLN B 186 -20.01 12.74 34.23
C GLN B 186 -19.17 11.49 33.96
N HIS B 187 -19.50 10.74 32.91
CA HIS B 187 -18.69 9.58 32.56
C HIS B 187 -17.24 10.00 32.28
N CYS B 188 -17.09 11.11 31.58
CA CYS B 188 -15.78 11.67 31.26
C CYS B 188 -14.99 12.07 32.51
N LEU B 189 -15.66 12.70 33.48
CA LEU B 189 -14.98 13.06 34.70
C LEU B 189 -14.53 11.81 35.44
N GLY B 190 -15.34 10.78 35.41
CA GLY B 190 -15.00 9.52 36.05
C GLY B 190 -13.80 8.85 35.40
N LEU B 191 -13.74 8.93 34.07
CA LEU B 191 -12.62 8.36 33.32
C LEU B 191 -11.30 9.09 33.59
N ILE B 192 -11.35 10.42 33.60
CA ILE B 192 -10.19 11.22 33.94
C ILE B 192 -9.66 10.86 35.32
N ASP B 193 -10.58 10.78 36.28
CA ASP B 193 -10.24 10.39 37.65
C ASP B 193 -9.54 9.03 37.72
N GLN B 194 -10.10 8.03 37.06
CA GLN B 194 -9.60 6.67 37.15
C GLN B 194 -8.35 6.39 36.31
N TYR B 195 -8.29 6.99 35.14
CA TYR B 195 -7.31 6.56 34.12
C TYR B 195 -6.26 7.57 33.67
N HIS B 196 -6.55 8.86 33.78
CA HIS B 196 -5.72 9.87 33.10
C HIS B 196 -4.33 10.01 33.76
N GLU B 197 -3.28 9.91 32.94
CA GLU B 197 -1.91 10.06 33.42
C GLU B 197 -1.28 11.32 32.83
N PRO B 198 -1.45 12.47 33.49
CA PRO B 198 -1.03 13.76 32.94
C PRO B 198 0.49 14.00 32.99
N GLU B 199 1.20 13.21 33.79
CA GLU B 199 2.65 13.38 33.91
C GLU B 199 3.33 13.07 32.59
N PRO B 200 4.54 13.61 32.39
CA PRO B 200 5.31 13.27 31.19
C PRO B 200 5.46 11.75 31.15
N PHE B 201 5.40 11.19 29.95
CA PHE B 201 5.54 9.74 29.73
C PHE B 201 4.32 8.95 30.19
N GLY B 202 3.24 9.67 30.51
CA GLY B 202 1.99 9.02 30.89
C GLY B 202 1.57 8.04 29.81
N MET B 203 1.10 6.87 30.22
CA MET B 203 0.78 5.80 29.28
C MET B 203 -0.69 5.70 28.90
N VAL B 204 -1.56 6.35 29.66
CA VAL B 204 -2.97 6.41 29.32
C VAL B 204 -3.43 7.84 29.49
N ARG B 205 -4.08 8.40 28.46
CA ARG B 205 -4.67 9.72 28.58
C ARG B 205 -6.09 9.76 28.07
N ILE B 206 -6.92 10.61 28.67
CA ILE B 206 -8.29 10.76 28.25
C ILE B 206 -8.45 12.02 27.40
N ALA B 207 -9.20 11.90 26.30
CA ALA B 207 -9.57 13.06 25.50
C ALA B 207 -11.08 13.07 25.35
N LEU B 208 -11.62 14.22 24.95
CA LEU B 208 -13.06 14.40 24.83
C LEU B 208 -13.41 14.49 23.35
N GLY B 209 -14.20 13.53 22.87
CA GLY B 209 -14.35 13.35 21.44
C GLY B 209 -15.76 13.19 20.91
N PRO B 210 -16.51 14.29 20.86
CA PRO B 210 -17.83 14.22 20.23
C PRO B 210 -17.70 13.59 18.84
N CYS B 211 -18.71 12.84 18.43
CA CYS B 211 -18.69 12.28 17.09
C CYS B 211 -18.60 13.36 16.01
N GLY B 212 -19.33 14.46 16.17
CA GLY B 212 -19.23 15.54 15.19
C GLY B 212 -20.31 16.60 15.26
N VAL B 213 -20.13 17.66 14.48
CA VAL B 213 -21.07 18.76 14.43
C VAL B 213 -22.49 18.30 14.07
N PRO B 214 -22.62 17.37 13.10
CA PRO B 214 -23.96 16.89 12.77
C PRO B 214 -24.57 15.97 13.83
N TYR B 215 -23.78 15.55 14.83
CA TYR B 215 -24.21 14.49 15.73
C TYR B 215 -24.30 14.85 17.22
N ASP B 216 -23.77 16.00 17.59
CA ASP B 216 -23.70 16.34 19.01
C ASP B 216 -24.22 17.74 19.32
N LYS B 217 -24.84 17.88 20.49
CA LYS B 217 -25.39 19.16 20.90
C LYS B 217 -24.30 20.19 21.14
N PRO B 218 -24.59 21.47 20.85
CA PRO B 218 -23.69 22.59 21.12
C PRO B 218 -23.28 22.59 22.59
N GLU B 219 -24.20 22.19 23.45
CA GLU B 219 -23.95 22.19 24.87
C GLU B 219 -22.85 21.21 25.26
N LEU B 220 -22.75 20.11 24.53
CA LEU B 220 -21.69 19.16 24.76
C LEU B 220 -20.34 19.75 24.35
N PHE B 221 -20.27 20.34 23.16
CA PHE B 221 -19.04 21.01 22.74
C PHE B 221 -18.62 22.05 23.78
N GLU B 222 -19.57 22.84 24.28
CA GLU B 222 -19.24 23.83 25.29
C GLU B 222 -18.81 23.22 26.62
N ALA B 223 -19.49 22.17 27.06
CA ALA B 223 -19.13 21.49 28.30
C ALA B 223 -17.73 20.91 28.17
N PHE B 224 -17.43 20.35 26.99
CA PHE B 224 -16.12 19.77 26.77
C PHE B 224 -15.04 20.84 26.76
N ALA B 225 -15.33 21.96 26.12
CA ALA B 225 -14.39 23.07 26.06
C ALA B 225 -14.01 23.48 27.49
N GLN B 226 -14.99 23.43 28.38
CA GLN B 226 -14.80 23.76 29.78
C GLN B 226 -13.94 22.70 30.48
N MET B 227 -14.27 21.43 30.26
CA MET B 227 -13.50 20.35 30.86
C MET B 227 -12.05 20.40 30.40
N ALA B 228 -11.85 20.66 29.11
CA ALA B 228 -10.52 20.69 28.53
C ALA B 228 -9.66 21.74 29.22
N ALA B 229 -10.26 22.87 29.57
CA ALA B 229 -9.55 23.91 30.31
C ALA B 229 -9.30 23.48 31.75
N ASP B 230 -10.33 22.93 32.39
CA ASP B 230 -10.25 22.49 33.79
C ASP B 230 -9.14 21.44 34.00
N TYR B 231 -9.04 20.50 33.07
CA TYR B 231 -8.19 19.34 33.29
C TYR B 231 -7.00 19.25 32.35
N ASP B 232 -6.82 20.27 31.51
CA ASP B 232 -5.77 20.26 30.50
C ASP B 232 -5.79 18.94 29.74
N VAL B 233 -6.95 18.57 29.22
CA VAL B 233 -7.06 17.45 28.29
C VAL B 233 -7.43 18.00 26.93
N ARG B 234 -7.41 17.13 25.93
CA ARG B 234 -7.63 17.61 24.57
C ARG B 234 -8.97 17.24 24.00
N LEU B 235 -9.31 17.92 22.91
CA LEU B 235 -10.62 17.83 22.28
C LEU B 235 -10.44 17.29 20.88
N HIS B 236 -11.28 16.34 20.50
CA HIS B 236 -11.13 15.69 19.21
C HIS B 236 -12.49 15.49 18.57
N THR B 237 -12.60 15.71 17.26
CA THR B 237 -13.84 15.37 16.55
C THR B 237 -13.62 15.20 15.05
N HIS B 238 -14.65 14.75 14.34
CA HIS B 238 -14.58 14.65 12.88
C HIS B 238 -14.83 16.04 12.31
N PHE B 239 -14.25 16.33 11.13
CA PHE B 239 -14.25 17.68 10.62
C PHE B 239 -14.30 17.69 9.10
N TYR B 240 -15.29 18.37 8.54
CA TYR B 240 -15.42 18.54 7.09
C TYR B 240 -15.33 17.26 6.26
N GLN B 241 -16.10 16.26 6.64
CA GLN B 241 -16.42 15.16 5.75
C GLN B 241 -17.45 15.70 4.76
N PRO B 242 -17.52 15.12 3.56
CA PRO B 242 -18.53 15.61 2.62
C PRO B 242 -19.92 15.53 3.25
N LEU B 243 -20.77 16.52 2.97
CA LEU B 243 -22.14 16.55 3.50
C LEU B 243 -22.28 17.20 4.87
N ASP B 244 -21.18 17.28 5.62
CA ASP B 244 -21.20 17.96 6.92
C ASP B 244 -21.68 19.39 6.79
N ALA B 245 -21.14 20.11 5.79
CA ALA B 245 -21.45 21.53 5.60
C ALA B 245 -22.94 21.76 5.43
N GLY B 246 -23.60 20.86 4.71
CA GLY B 246 -25.04 20.93 4.51
C GLY B 246 -25.81 20.60 5.77
N MET B 247 -25.38 19.59 6.49
CA MET B 247 -26.03 19.23 7.75
C MET B 247 -25.89 20.35 8.77
N SER B 248 -24.73 21.01 8.77
CA SER B 248 -24.44 22.09 9.70
C SER B 248 -25.26 23.33 9.37
N ASP B 249 -25.35 23.65 8.08
CA ASP B 249 -26.15 24.78 7.63
C ASP B 249 -27.62 24.54 7.97
N HIS B 250 -28.07 23.32 7.74
CA HIS B 250 -29.47 22.96 7.97
C HIS B 250 -29.89 23.12 9.43
N LEU B 251 -29.00 22.74 10.36
CA LEU B 251 -29.33 22.76 11.78
C LEU B 251 -29.04 24.10 12.45
N TYR B 252 -27.99 24.79 11.98
CA TYR B 252 -27.49 25.96 12.70
C TYR B 252 -27.27 27.17 11.81
N GLY B 253 -27.49 27.01 10.52
CA GLY B 253 -27.32 28.09 9.56
C GLY B 253 -25.89 28.62 9.46
N MET B 254 -24.93 27.82 9.90
CA MET B 254 -23.52 28.20 9.80
C MET B 254 -22.67 26.99 9.40
N THR B 255 -21.41 27.25 9.04
CA THR B 255 -20.49 26.17 8.63
C THR B 255 -20.05 25.37 9.86
N PRO B 256 -19.59 24.12 9.64
CA PRO B 256 -19.05 23.34 10.75
C PRO B 256 -17.95 24.10 11.50
N TRP B 257 -17.10 24.82 10.80
CA TRP B 257 -16.07 25.62 11.47
C TRP B 257 -16.68 26.73 12.30
N ARG B 258 -17.60 27.47 11.70
CA ARG B 258 -18.25 28.58 12.40
C ARG B 258 -18.92 28.06 13.68
N PHE B 259 -19.52 26.88 13.58
CA PHE B 259 -20.16 26.23 14.73
C PHE B 259 -19.12 25.91 15.81
N LEU B 260 -17.99 25.33 15.42
CA LEU B 260 -16.95 25.01 16.39
C LEU B 260 -16.43 26.27 17.08
N GLU B 261 -16.23 27.33 16.30
CA GLU B 261 -15.75 28.59 16.84
C GLU B 261 -16.72 29.11 17.88
N LYS B 262 -18.00 29.07 17.55
CA LYS B 262 -19.07 29.54 18.45
C LYS B 262 -19.09 28.80 19.77
N HIS B 263 -18.77 27.52 19.74
CA HIS B 263 -18.90 26.68 20.93
C HIS B 263 -17.56 26.27 21.57
N GLY B 264 -16.53 27.08 21.35
CA GLY B 264 -15.32 27.03 22.14
C GLY B 264 -14.22 26.14 21.60
N TRP B 265 -14.44 25.61 20.40
CA TRP B 265 -13.52 24.64 19.81
C TRP B 265 -12.54 25.22 18.79
N ALA B 266 -12.50 26.55 18.69
CA ALA B 266 -11.48 27.19 17.88
C ALA B 266 -10.30 27.52 18.78
N SER B 267 -9.54 26.49 19.16
CA SER B 267 -8.42 26.66 20.09
C SER B 267 -7.31 25.67 19.82
N ASP B 268 -6.18 25.89 20.47
CA ASP B 268 -5.02 25.01 20.30
C ASP B 268 -5.13 23.72 21.13
N ARG B 269 -6.31 23.46 21.66
CA ARG B 269 -6.54 22.23 22.43
C ARG B 269 -7.15 21.12 21.57
N VAL B 270 -7.37 21.42 20.29
CA VAL B 270 -8.25 20.61 19.45
C VAL B 270 -7.49 19.95 18.30
N TRP B 271 -7.77 18.68 18.03
CA TRP B 271 -7.33 18.08 16.77
C TRP B 271 -8.52 17.48 16.03
N LEU B 272 -8.50 17.58 14.70
CA LEU B 272 -9.68 17.34 13.88
C LEU B 272 -9.42 16.28 12.82
N ALA B 273 -10.30 15.28 12.76
CA ALA B 273 -10.12 14.14 11.85
C ALA B 273 -10.63 14.41 10.44
N HIS B 274 -9.83 14.03 9.44
CA HIS B 274 -10.17 14.12 8.02
C HIS B 274 -9.95 15.51 7.42
N ALA B 275 -10.81 16.45 7.78
CA ALA B 275 -10.75 17.81 7.21
C ALA B 275 -10.63 17.75 5.70
N VAL B 276 -11.55 17.04 5.04
CA VAL B 276 -11.39 16.78 3.61
C VAL B 276 -11.80 17.95 2.72
N VAL B 277 -12.92 18.59 3.06
CA VAL B 277 -13.50 19.58 2.15
C VAL B 277 -13.87 20.89 2.83
N PRO B 278 -12.89 21.53 3.48
CA PRO B 278 -13.23 22.84 4.07
C PRO B 278 -13.33 23.92 3.01
N PRO B 279 -14.10 24.98 3.27
CA PRO B 279 -14.00 26.15 2.39
C PRO B 279 -12.59 26.72 2.49
N ARG B 280 -11.94 26.95 1.36
CA ARG B 280 -10.58 27.47 1.36
C ARG B 280 -10.38 28.70 2.22
N GLU B 281 -11.39 29.58 2.25
CA GLU B 281 -11.27 30.83 2.98
C GLU B 281 -11.21 30.66 4.50
N GLU B 282 -11.55 29.46 4.99
CA GLU B 282 -11.49 29.20 6.43
C GLU B 282 -10.13 28.69 6.88
N ILE B 283 -9.32 28.24 5.93
CA ILE B 283 -8.04 27.65 6.28
C ILE B 283 -7.15 28.55 7.14
N PRO B 284 -7.04 29.85 6.78
CA PRO B 284 -6.27 30.79 7.60
C PRO B 284 -6.79 30.86 9.04
N GLU B 285 -8.09 30.68 9.22
CA GLU B 285 -8.70 30.70 10.55
C GLU B 285 -8.29 29.48 11.36
N PHE B 286 -8.17 28.33 10.69
CA PHE B 286 -7.67 27.13 11.38
C PHE B 286 -6.27 27.43 11.91
N ALA B 287 -5.46 28.04 11.05
CA ALA B 287 -4.08 28.36 11.42
C ALA B 287 -4.06 29.27 12.64
N ASP B 288 -4.85 30.35 12.59
CA ASP B 288 -4.89 31.32 13.69
C ASP B 288 -5.39 30.69 14.99
N ALA B 289 -6.38 29.82 14.89
CA ALA B 289 -6.94 29.17 16.08
C ALA B 289 -5.94 28.17 16.68
N GLY B 290 -5.10 27.61 15.83
CA GLY B 290 -4.08 26.68 16.30
C GLY B 290 -4.61 25.27 16.43
N VAL B 291 -5.69 24.98 15.72
CA VAL B 291 -6.19 23.61 15.65
C VAL B 291 -5.22 22.73 14.87
N ALA B 292 -5.20 21.45 15.21
CA ALA B 292 -4.40 20.47 14.47
C ALA B 292 -5.34 19.59 13.65
N ILE B 293 -4.80 18.99 12.59
CA ILE B 293 -5.61 18.18 11.68
C ILE B 293 -4.96 16.81 11.47
N ALA B 294 -5.76 15.76 11.55
CA ALA B 294 -5.26 14.41 11.27
C ALA B 294 -5.70 13.97 9.88
N HIS B 295 -4.74 13.74 9.01
CA HIS B 295 -4.98 13.27 7.64
C HIS B 295 -5.23 11.76 7.67
N LEU B 296 -6.35 11.35 7.07
CA LEU B 296 -6.74 9.94 7.03
C LEU B 296 -6.95 9.51 5.59
N ILE B 297 -5.85 9.32 4.84
CA ILE B 297 -5.95 9.08 3.40
C ILE B 297 -6.79 7.86 3.05
N ALA B 298 -6.62 6.77 3.79
CA ALA B 298 -7.31 5.52 3.44
C ALA B 298 -8.84 5.62 3.44
N PRO B 299 -9.44 6.08 4.55
CA PRO B 299 -10.91 6.20 4.49
C PRO B 299 -11.39 7.26 3.52
N ASP B 300 -10.61 8.33 3.35
CA ASP B 300 -11.01 9.40 2.43
C ASP B 300 -11.13 8.84 1.02
N LEU B 301 -10.19 7.98 0.63
CA LEU B 301 -10.25 7.31 -0.67
C LEU B 301 -11.31 6.23 -0.73
N ARG B 302 -11.39 5.42 0.32
CA ARG B 302 -12.32 4.30 0.36
C ARG B 302 -13.77 4.78 0.23
N MET B 303 -14.06 5.94 0.77
CA MET B 303 -15.42 6.49 0.73
C MET B 303 -15.69 7.23 -0.57
N GLY B 304 -14.65 7.40 -1.38
CA GLY B 304 -14.78 8.14 -2.62
C GLY B 304 -14.69 9.65 -2.43
N TRP B 305 -14.24 10.09 -1.25
CA TRP B 305 -14.20 11.51 -0.87
C TRP B 305 -13.11 12.32 -1.56
N GLY B 306 -11.94 11.73 -1.76
CA GLY B 306 -10.87 12.44 -2.44
C GLY B 306 -9.81 12.99 -1.50
N LEU B 307 -9.20 14.10 -1.90
CA LEU B 307 -7.94 14.55 -1.30
C LEU B 307 -8.04 15.80 -0.42
N ALA B 308 -7.83 15.61 0.88
CA ALA B 308 -7.75 16.73 1.82
C ALA B 308 -6.63 17.67 1.37
N PRO B 309 -6.84 18.99 1.53
CA PRO B 309 -5.83 19.97 1.09
C PRO B 309 -4.65 20.03 2.06
N ILE B 310 -3.86 18.95 2.11
CA ILE B 310 -2.79 18.87 3.07
C ILE B 310 -1.68 19.89 2.81
N ARG B 311 -1.26 20.01 1.55
CA ARG B 311 -0.25 20.99 1.20
C ARG B 311 -0.66 22.39 1.70
N GLU B 312 -1.93 22.74 1.50
CA GLU B 312 -2.45 24.02 1.99
C GLU B 312 -2.33 24.15 3.51
N TYR B 313 -2.62 23.07 4.23
CA TYR B 313 -2.48 23.09 5.68
C TYR B 313 -1.03 23.33 6.07
N LEU B 314 -0.10 22.61 5.43
CA LEU B 314 1.32 22.81 5.73
C LEU B 314 1.77 24.22 5.38
N ASP B 315 1.32 24.71 4.22
CA ASP B 315 1.59 26.09 3.82
C ASP B 315 1.15 27.08 4.90
N ALA B 316 0.00 26.81 5.50
CA ALA B 316 -0.57 27.73 6.48
C ALA B 316 0.03 27.58 7.87
N GLY B 317 0.89 26.58 8.05
CA GLY B 317 1.53 26.33 9.33
C GLY B 317 0.69 25.51 10.30
N ILE B 318 -0.35 24.88 9.78
CA ILE B 318 -1.25 24.07 10.60
C ILE B 318 -0.62 22.71 10.90
N THR B 319 -0.69 22.29 12.16
CA THR B 319 -0.18 20.99 12.57
C THR B 319 -0.95 19.88 11.83
N VAL B 320 -0.23 18.99 11.15
CA VAL B 320 -0.89 17.87 10.47
C VAL B 320 -0.32 16.53 10.95
N GLY B 321 -1.21 15.70 11.49
CA GLY B 321 -0.84 14.36 11.89
C GLY B 321 -1.44 13.34 10.93
N PHE B 322 -1.37 12.06 11.28
CA PHE B 322 -1.87 11.02 10.39
C PHE B 322 -2.58 9.95 11.21
N GLY B 323 -3.55 9.29 10.59
CA GLY B 323 -4.20 8.15 11.23
C GLY B 323 -4.81 7.22 10.19
N THR B 324 -5.34 6.09 10.63
CA THR B 324 -5.89 5.08 9.74
C THR B 324 -7.43 5.08 9.72
N THR B 325 -8.03 5.71 10.72
CA THR B 325 -9.41 5.43 11.13
C THR B 325 -9.64 3.94 11.41
N GLY B 326 -10.88 3.60 11.73
CA GLY B 326 -11.26 2.22 12.04
C GLY B 326 -11.19 1.25 10.86
N SER B 327 -11.13 -0.03 11.19
CA SER B 327 -10.93 -1.07 10.19
C SER B 327 -12.17 -1.44 9.38
N ALA B 328 -13.29 -0.76 9.64
CA ALA B 328 -14.47 -0.92 8.77
C ALA B 328 -14.41 0.01 7.56
N SER B 329 -13.52 1.00 7.62
CA SER B 329 -13.31 1.86 6.46
C SER B 329 -11.82 2.05 6.19
N ASN B 330 -11.11 0.94 6.03
CA ASN B 330 -9.68 1.01 5.72
C ASN B 330 -9.11 -0.08 4.78
N ASP B 331 -9.13 -1.36 5.13
CA ASP B 331 -9.72 -1.94 6.34
C ASP B 331 -8.66 -2.49 7.29
N GLY B 332 -7.47 -1.89 7.30
CA GLY B 332 -6.43 -2.33 8.21
C GLY B 332 -6.03 -1.27 9.20
N GLY B 333 -5.09 -1.59 10.09
CA GLY B 333 -4.51 -0.63 11.01
C GLY B 333 -3.07 -0.30 10.65
N ASN B 334 -2.73 -0.52 9.38
CA ASN B 334 -1.37 -0.34 8.89
C ASN B 334 -1.08 1.11 8.51
N LEU B 335 -0.59 1.87 9.49
CA LEU B 335 -0.33 3.30 9.29
C LEU B 335 0.80 3.56 8.28
N LEU B 336 1.91 2.83 8.41
CA LEU B 336 3.01 3.00 7.48
C LEU B 336 2.56 2.75 6.04
N GLY B 337 1.80 1.67 5.84
CA GLY B 337 1.28 1.35 4.52
C GLY B 337 0.44 2.47 3.94
N ASP B 338 -0.34 3.13 4.80
CA ASP B 338 -1.21 4.19 4.32
C ASP B 338 -0.42 5.42 3.87
N LEU B 339 0.80 5.57 4.39
CA LEU B 339 1.62 6.72 4.00
C LEU B 339 1.95 6.66 2.52
N ARG B 340 2.17 5.43 2.02
CA ARG B 340 2.46 5.24 0.60
C ARG B 340 1.24 5.62 -0.23
N LEU B 341 0.05 5.25 0.26
CA LEU B 341 -1.17 5.64 -0.40
C LEU B 341 -1.22 7.17 -0.56
N ALA B 342 -0.94 7.90 0.52
CA ALA B 342 -0.95 9.35 0.48
C ALA B 342 0.12 9.88 -0.48
N ALA B 343 1.32 9.30 -0.41
CA ALA B 343 2.45 9.75 -1.24
C ALA B 343 2.09 9.76 -2.71
N LEU B 344 1.36 8.74 -3.14
CA LEU B 344 1.04 8.57 -4.55
C LEU B 344 -0.27 9.25 -4.93
N ALA B 345 -1.31 9.05 -4.13
CA ALA B 345 -2.65 9.52 -4.47
C ALA B 345 -2.78 11.04 -4.55
N HIS B 346 -1.95 11.77 -3.82
CA HIS B 346 -2.02 13.24 -3.86
C HIS B 346 -1.52 13.82 -5.18
N ARG B 347 -0.65 13.08 -5.87
CA ARG B 347 0.10 13.66 -7.00
C ARG B 347 -0.76 14.10 -8.20
N PRO B 348 -1.71 13.28 -8.61
CA PRO B 348 -2.46 13.70 -9.80
C PRO B 348 -3.30 14.97 -9.63
N ALA B 349 -3.44 15.46 -8.40
CA ALA B 349 -4.18 16.70 -8.19
C ALA B 349 -3.36 17.91 -8.66
N ASP B 350 -2.05 17.73 -8.74
CA ASP B 350 -1.15 18.79 -9.19
C ASP B 350 -0.16 18.23 -10.21
N PRO B 351 -0.66 17.83 -11.38
CA PRO B 351 0.10 17.09 -12.40
C PRO B 351 1.39 17.80 -12.79
N ASN B 352 1.35 19.13 -12.81
CA ASN B 352 2.45 19.91 -13.34
C ASN B 352 3.26 20.65 -12.27
N GLU B 353 2.94 20.41 -11.00
CA GLU B 353 3.65 21.06 -9.90
C GLU B 353 4.12 20.07 -8.83
N PRO B 354 5.18 19.31 -9.13
CA PRO B 354 5.64 18.25 -8.22
C PRO B 354 6.09 18.79 -6.86
N GLU B 355 6.45 20.07 -6.83
CA GLU B 355 6.88 20.71 -5.59
C GLU B 355 5.74 20.71 -4.57
N LYS B 356 4.50 20.58 -5.04
CA LYS B 356 3.34 20.57 -4.15
C LYS B 356 3.07 19.17 -3.56
N TRP B 357 3.59 18.13 -4.23
CA TRP B 357 3.38 16.76 -3.77
C TRP B 357 3.98 16.54 -2.38
N LEU B 358 3.30 15.77 -1.54
CA LEU B 358 3.84 15.46 -0.22
C LEU B 358 5.04 14.55 -0.34
N SER B 359 6.13 14.88 0.34
CA SER B 359 7.32 14.05 0.30
C SER B 359 7.26 12.93 1.32
N ALA B 360 8.12 11.95 1.15
CA ALA B 360 8.25 10.85 2.12
C ALA B 360 8.50 11.39 3.53
N ARG B 361 9.44 12.31 3.63
CA ARG B 361 9.77 12.91 4.91
C ARG B 361 8.63 13.70 5.54
N GLU B 362 7.85 14.42 4.73
CA GLU B 362 6.70 15.14 5.25
C GLU B 362 5.69 14.13 5.80
N LEU B 363 5.52 13.02 5.10
CA LEU B 363 4.55 12.01 5.50
C LEU B 363 4.99 11.26 6.76
N LEU B 364 6.27 10.92 6.84
CA LEU B 364 6.79 10.28 8.05
C LEU B 364 6.71 11.24 9.24
N ARG B 365 6.92 12.53 9.00
CA ARG B 365 6.78 13.51 10.09
C ARG B 365 5.34 13.54 10.58
N MET B 366 4.39 13.53 9.64
CA MET B 366 2.98 13.52 10.01
C MET B 366 2.68 12.34 10.92
N ALA B 367 3.27 11.19 10.59
CA ALA B 367 2.95 9.95 11.31
C ALA B 367 3.66 9.84 12.65
N THR B 368 4.53 10.79 12.95
CA THR B 368 5.29 10.77 14.20
C THR B 368 5.09 12.08 14.97
N ARG B 369 5.90 13.08 14.63
CA ARG B 369 5.82 14.37 15.33
C ARG B 369 4.48 15.07 15.13
N GLY B 370 3.96 15.04 13.90
CA GLY B 370 2.66 15.61 13.59
C GLY B 370 1.57 15.02 14.46
N SER B 371 1.52 13.69 14.53
CA SER B 371 0.51 13.01 15.34
C SER B 371 0.71 13.29 16.83
N ALA B 372 1.97 13.34 17.26
CA ALA B 372 2.25 13.67 18.67
C ALA B 372 1.67 15.04 18.98
N GLU B 373 1.86 15.99 18.06
CA GLU B 373 1.35 17.34 18.27
C GLU B 373 -0.18 17.37 18.30
N CYS B 374 -0.79 16.57 17.44
CA CYS B 374 -2.25 16.44 17.46
C CYS B 374 -2.74 16.02 18.83
N LEU B 375 -2.04 15.07 19.45
CA LEU B 375 -2.44 14.52 20.73
C LEU B 375 -2.00 15.38 21.91
N GLY B 376 -1.27 16.44 21.64
CA GLY B 376 -0.69 17.26 22.68
C GLY B 376 0.36 16.53 23.50
N ARG B 377 1.30 15.88 22.81
CA ARG B 377 2.37 15.14 23.47
C ARG B 377 3.74 15.65 23.04
N PRO B 378 4.26 16.67 23.74
CA PRO B 378 5.61 17.19 23.44
C PRO B 378 6.68 16.19 23.87
N ASP B 379 6.27 15.16 24.59
CA ASP B 379 7.17 14.12 25.05
C ASP B 379 7.31 12.97 24.05
N LEU B 380 6.56 13.01 22.95
CA LEU B 380 6.61 11.96 21.93
C LEU B 380 7.02 12.46 20.55
N GLY B 381 7.18 11.53 19.61
CA GLY B 381 7.31 11.89 18.21
C GLY B 381 8.66 12.42 17.74
N VAL B 382 9.65 12.43 18.63
CA VAL B 382 10.97 12.95 18.29
C VAL B 382 12.06 12.12 18.95
N LEU B 383 13.08 11.71 18.19
CA LEU B 383 14.17 10.97 18.80
C LEU B 383 15.23 11.93 19.31
N GLU B 384 15.09 12.38 20.55
CA GLU B 384 16.10 13.24 21.17
C GLU B 384 16.10 13.12 22.70
N GLU B 385 17.22 13.49 23.30
CA GLU B 385 17.35 13.48 24.76
C GLU B 385 16.12 14.06 25.47
N GLY B 386 15.58 13.31 26.42
CA GLY B 386 14.48 13.81 27.24
C GLY B 386 13.09 13.43 26.76
N ARG B 387 12.97 13.01 25.50
CA ARG B 387 11.69 12.53 25.00
C ARG B 387 11.49 11.06 25.39
N ALA B 388 10.25 10.58 25.26
CA ALA B 388 9.94 9.20 25.59
C ALA B 388 10.70 8.24 24.69
N ALA B 389 11.10 7.10 25.25
CA ALA B 389 11.74 6.04 24.50
C ALA B 389 10.68 5.22 23.77
N ASP B 390 10.07 5.84 22.77
CA ASP B 390 9.12 5.18 21.88
C ASP B 390 9.81 5.16 20.51
N ILE B 391 10.21 3.99 20.07
CA ILE B 391 11.09 3.88 18.90
C ILE B 391 10.60 2.75 18.00
N ALA B 392 10.57 2.99 16.69
CA ALA B 392 10.21 1.94 15.74
C ALA B 392 11.31 1.82 14.70
N CYS B 393 11.76 0.60 14.47
CA CYS B 393 12.85 0.33 13.53
C CYS B 393 12.44 -0.71 12.51
N TRP B 394 12.83 -0.46 11.25
CA TRP B 394 12.65 -1.41 10.16
C TRP B 394 13.99 -1.84 9.59
N ARG B 395 14.07 -3.09 9.18
CA ARG B 395 15.28 -3.56 8.49
C ARG B 395 15.36 -2.99 7.07
N LEU B 396 16.58 -2.70 6.63
CA LEU B 396 16.82 -2.14 5.30
C LEU B 396 17.46 -3.15 4.37
N ASP B 397 17.81 -4.31 4.92
CA ASP B 397 18.67 -5.25 4.20
C ASP B 397 17.94 -6.45 3.60
N GLY B 398 16.64 -6.30 3.35
CA GLY B 398 15.89 -7.36 2.68
C GLY B 398 16.03 -7.26 1.17
N VAL B 399 15.74 -8.37 0.49
CA VAL B 399 15.88 -8.41 -0.97
C VAL B 399 14.92 -7.42 -1.63
N ASP B 400 13.81 -7.12 -0.96
CA ASP B 400 12.82 -6.18 -1.49
C ASP B 400 13.23 -4.71 -1.33
N ARG B 401 14.36 -4.46 -0.69
CA ARG B 401 14.84 -3.09 -0.56
C ARG B 401 16.26 -2.89 -1.14
N VAL B 402 16.74 -3.89 -1.88
CA VAL B 402 18.01 -3.70 -2.58
C VAL B 402 17.88 -2.56 -3.59
N GLY B 403 18.92 -1.75 -3.72
CA GLY B 403 18.93 -0.70 -4.71
C GLY B 403 18.30 0.60 -4.23
N VAL B 404 17.87 0.60 -2.97
CA VAL B 404 17.32 1.81 -2.35
C VAL B 404 18.45 2.78 -2.02
N HIS B 405 18.33 4.02 -2.46
CA HIS B 405 19.37 5.02 -2.22
C HIS B 405 19.12 5.89 -0.99
N ASP B 406 17.86 6.20 -0.70
CA ASP B 406 17.51 6.99 0.46
C ASP B 406 16.56 6.14 1.30
N PRO B 407 17.03 5.68 2.47
CA PRO B 407 16.26 4.72 3.28
C PRO B 407 14.91 5.25 3.74
N ALA B 408 14.81 6.55 3.99
CA ALA B 408 13.54 7.12 4.45
C ALA B 408 12.53 7.09 3.32
N ILE B 409 12.94 7.46 2.12
CA ILE B 409 12.07 7.38 0.95
C ILE B 409 11.73 5.93 0.69
N GLY B 410 12.72 5.06 0.87
CA GLY B 410 12.53 3.64 0.63
C GLY B 410 11.50 3.02 1.57
N LEU B 411 11.39 3.56 2.77
CA LEU B 411 10.44 3.02 3.73
C LEU B 411 9.01 3.16 3.19
N ILE B 412 8.78 4.27 2.49
CA ILE B 412 7.49 4.58 1.87
C ILE B 412 7.30 3.94 0.48
N MET B 413 8.35 3.92 -0.34
CA MET B 413 8.22 3.62 -1.76
C MET B 413 8.58 2.18 -2.17
N THR B 414 9.06 1.38 -1.22
CA THR B 414 9.43 0.00 -1.52
C THR B 414 8.93 -0.97 -0.46
N GLY B 415 8.97 -2.25 -0.79
CA GLY B 415 8.80 -3.28 0.21
C GLY B 415 7.62 -4.20 0.00
N LEU B 416 7.78 -5.45 0.42
CA LEU B 416 6.69 -6.40 0.45
C LEU B 416 5.96 -6.34 1.79
N SER B 417 6.58 -5.68 2.77
CA SER B 417 6.08 -5.73 4.14
C SER B 417 6.35 -4.46 4.94
N ASP B 418 5.35 -4.05 5.73
CA ASP B 418 5.50 -2.90 6.60
C ASP B 418 5.80 -3.34 8.04
N ARG B 419 6.03 -4.63 8.25
CA ARG B 419 6.35 -5.13 9.59
C ARG B 419 7.62 -4.51 10.15
N ALA B 420 7.52 -3.99 11.35
CA ALA B 420 8.65 -3.40 12.06
C ALA B 420 9.52 -4.50 12.62
N SER B 421 10.82 -4.22 12.71
CA SER B 421 11.78 -5.17 13.25
C SER B 421 11.85 -5.07 14.77
N LEU B 422 11.99 -3.84 15.26
CA LEU B 422 12.23 -3.57 16.67
C LEU B 422 11.31 -2.43 17.08
N VAL B 423 10.51 -2.65 18.12
CA VAL B 423 9.62 -1.61 18.62
C VAL B 423 9.76 -1.47 20.13
N VAL B 424 9.99 -0.24 20.57
CA VAL B 424 10.15 0.05 21.99
C VAL B 424 9.07 1.05 22.37
N VAL B 425 8.38 0.81 23.48
CA VAL B 425 7.38 1.77 23.95
C VAL B 425 7.64 2.03 25.44
N ASN B 426 7.82 3.30 25.79
CA ASN B 426 8.09 3.66 27.18
C ASN B 426 9.34 2.96 27.72
N GLY B 427 10.31 2.77 26.81
CA GLY B 427 11.56 2.12 27.16
C GLY B 427 11.46 0.61 27.24
N GLN B 428 10.29 0.05 26.94
CA GLN B 428 10.08 -1.40 27.00
C GLN B 428 10.12 -1.99 25.60
N VAL B 429 10.97 -3.00 25.38
CA VAL B 429 11.06 -3.66 24.08
C VAL B 429 9.87 -4.58 23.91
N LEU B 430 9.02 -4.29 22.93
CA LEU B 430 7.77 -5.05 22.77
C LEU B 430 7.76 -5.88 21.49
N VAL B 431 8.56 -5.46 20.52
CA VAL B 431 8.73 -6.24 19.28
C VAL B 431 10.22 -6.34 18.96
N GLU B 432 10.67 -7.56 18.67
CA GLU B 432 12.05 -7.77 18.22
C GLU B 432 12.08 -8.91 17.21
N ASN B 433 12.90 -8.77 16.17
CA ASN B 433 12.90 -9.74 15.07
C ASN B 433 11.50 -9.95 14.49
N GLU B 434 10.73 -8.87 14.36
CA GLU B 434 9.36 -8.90 13.85
C GLU B 434 8.42 -9.76 14.68
N ARG B 435 8.77 -10.01 15.94
CA ARG B 435 7.92 -10.84 16.78
C ARG B 435 7.66 -10.18 18.13
N PRO B 436 6.43 -10.32 18.66
CA PRO B 436 6.11 -9.75 19.97
C PRO B 436 7.00 -10.38 21.03
N VAL B 437 7.52 -9.55 21.92
CA VAL B 437 8.42 -10.03 22.97
C VAL B 437 7.63 -10.63 24.14
N LEU B 438 6.53 -9.97 24.51
CA LEU B 438 5.76 -10.35 25.68
C LEU B 438 4.39 -10.96 25.33
N ALA B 439 3.76 -10.43 24.29
CA ALA B 439 2.44 -10.89 23.87
C ALA B 439 2.50 -12.28 23.26
N ASP B 440 1.47 -13.07 23.57
CA ASP B 440 1.31 -14.39 23.01
C ASP B 440 0.48 -14.30 21.73
N LEU B 441 1.14 -14.12 20.59
CA LEU B 441 0.45 -13.82 19.35
C LEU B 441 -0.57 -14.90 18.94
N GLU B 442 -0.16 -16.16 19.02
CA GLU B 442 -1.03 -17.26 18.60
C GLU B 442 -2.28 -17.34 19.47
N ARG B 443 -2.12 -17.17 20.77
CA ARG B 443 -3.23 -17.21 21.70
C ARG B 443 -4.18 -16.04 21.48
N ILE B 444 -3.61 -14.86 21.27
CA ILE B 444 -4.40 -13.67 21.00
C ILE B 444 -5.20 -13.84 19.70
N VAL B 445 -4.56 -14.35 18.66
CA VAL B 445 -5.28 -14.60 17.42
C VAL B 445 -6.43 -15.60 17.63
N ALA B 446 -6.15 -16.69 18.32
CA ALA B 446 -7.17 -17.71 18.57
C ALA B 446 -8.33 -17.14 19.38
N ASN B 447 -8.02 -16.45 20.47
CA ASN B 447 -9.06 -15.91 21.35
C ASN B 447 -9.93 -14.87 20.66
N THR B 448 -9.31 -13.95 19.92
CA THR B 448 -10.09 -12.90 19.30
C THR B 448 -10.93 -13.46 18.17
N THR B 449 -10.34 -14.34 17.36
CA THR B 449 -11.03 -14.94 16.23
C THR B 449 -12.31 -15.65 16.68
N ALA B 450 -12.23 -16.31 17.83
CA ALA B 450 -13.39 -17.04 18.37
C ALA B 450 -14.54 -16.10 18.71
N LEU B 451 -14.22 -14.85 18.99
CA LEU B 451 -15.21 -13.87 19.41
C LEU B 451 -15.76 -12.98 18.29
N ILE B 452 -15.20 -13.08 17.09
CA ILE B 452 -15.70 -12.29 15.97
C ILE B 452 -17.12 -12.74 15.61
N PRO B 453 -18.08 -11.81 15.60
CA PRO B 453 -19.46 -12.20 15.23
C PRO B 453 -19.52 -12.68 13.78
#